data_1IXN
#
_entry.id   1IXN
#
_cell.length_a   128.900
_cell.length_b   156.300
_cell.length_c   127.600
_cell.angle_alpha   90.00
_cell.angle_beta   90.00
_cell.angle_gamma   90.00
#
_symmetry.space_group_name_H-M   'C 2 2 21'
#
loop_
_entity.id
_entity.type
_entity.pdbx_description
1 polymer "Pyridoxine 5'-Phosphate Synthase"
2 non-polymer 1-DEOXY-D-XYLULOSE-5-PHOSPHATE
3 non-polymer SN-GLYCEROL-3-PHOSPHATE
4 water water
#
_entity_poly.entity_id   1
_entity_poly.type   'polypeptide(L)'
_entity_poly.pdbx_seq_one_letter_code
;AELLLGVNIDHIATLRNARGTAYPDPVQAAFIAEQAGADGITVHLREDRRHITDRDVRILRQTLDTRMNLEMAVTEEMLA
IAVETKPHFCCLVPEKRQEVTTEGGLDVAGQRDKMRDACKRLADAGIQVSLFIDADEEQIKAAAEVGAPFIEIHTGCYAD
AKTDAEQAQELARIAKAATFAASLGLKVNAGHGLTYHNVKAIAAIPEMHELNIGHAIIGRAVMTGLKDAVAEMKRLMLEA
RG
;
_entity_poly.pdbx_strand_id   A,B,C,D
#
loop_
_chem_comp.id
_chem_comp.type
_chem_comp.name
_chem_comp.formula
DXP non-polymer 1-DEOXY-D-XYLULOSE-5-PHOSPHATE 'C5 H11 O7 P'
G3P non-polymer SN-GLYCEROL-3-PHOSPHATE 'C3 H9 O6 P'
#
# COMPACT_ATOMS: atom_id res chain seq x y z
N ALA A 1 -26.78 7.72 16.92
CA ALA A 1 -25.95 6.54 17.31
C ALA A 1 -25.62 5.68 16.09
N GLU A 2 -24.35 5.47 15.86
CA GLU A 2 -23.90 4.66 14.74
C GLU A 2 -23.96 3.15 15.08
N LEU A 3 -24.18 2.31 14.07
CA LEU A 3 -24.22 0.87 14.29
C LEU A 3 -22.82 0.51 14.79
N LEU A 4 -22.71 -0.33 15.81
CA LEU A 4 -21.39 -0.69 16.32
C LEU A 4 -20.99 -2.08 15.89
N LEU A 5 -19.69 -2.35 15.90
CA LEU A 5 -19.18 -3.66 15.51
C LEU A 5 -18.39 -4.31 16.65
N GLY A 6 -18.80 -5.50 17.07
CA GLY A 6 -18.09 -6.24 18.10
C GLY A 6 -17.30 -7.34 17.40
N VAL A 7 -15.98 -7.28 17.43
CA VAL A 7 -15.17 -8.32 16.79
C VAL A 7 -14.77 -9.47 17.75
N ASN A 8 -15.21 -10.69 17.40
CA ASN A 8 -14.94 -11.89 18.18
C ASN A 8 -13.63 -12.47 17.68
N ILE A 9 -12.61 -12.49 18.52
CA ILE A 9 -11.32 -13.01 18.08
C ILE A 9 -11.06 -14.45 18.50
N ASP A 10 -12.11 -15.16 18.91
CA ASP A 10 -11.98 -16.55 19.32
C ASP A 10 -11.11 -17.33 18.36
N HIS A 11 -11.43 -17.24 17.06
CA HIS A 11 -10.70 -18.02 16.08
C HIS A 11 -9.27 -17.67 15.83
N ILE A 12 -8.79 -16.60 16.45
CA ILE A 12 -7.38 -16.25 16.36
C ILE A 12 -6.76 -17.32 17.26
N ALA A 13 -7.35 -17.56 18.42
CA ALA A 13 -6.84 -18.59 19.35
C ALA A 13 -7.04 -20.01 18.82
N THR A 14 -8.05 -20.22 17.97
CA THR A 14 -8.28 -21.54 17.39
C THR A 14 -7.01 -21.96 16.67
N LEU A 15 -6.48 -21.04 15.89
CA LEU A 15 -5.25 -21.26 15.13
C LEU A 15 -4.06 -21.48 16.07
N ARG A 16 -3.95 -20.69 17.12
CA ARG A 16 -2.86 -20.82 18.08
C ARG A 16 -2.92 -22.18 18.78
N ASN A 17 -4.05 -22.46 19.40
CA ASN A 17 -4.27 -23.69 20.15
C ASN A 17 -4.12 -24.96 19.31
N ALA A 18 -4.19 -24.83 17.99
CA ALA A 18 -4.06 -26.00 17.12
C ALA A 18 -2.64 -26.55 17.14
N ARG A 19 -1.70 -25.77 17.67
CA ARG A 19 -0.33 -26.23 17.68
C ARG A 19 0.35 -26.16 19.06
N GLY A 20 -0.15 -25.31 19.95
CA GLY A 20 0.47 -25.21 21.27
C GLY A 20 1.43 -24.05 21.38
N THR A 21 1.69 -23.39 20.26
CA THR A 21 2.60 -22.24 20.19
C THR A 21 1.98 -21.07 20.94
N ALA A 22 2.63 -19.91 20.93
CA ALA A 22 2.07 -18.75 21.64
C ALA A 22 1.44 -17.77 20.66
N TYR A 23 1.64 -18.04 19.38
CA TYR A 23 1.13 -17.19 18.31
C TYR A 23 0.18 -17.99 17.41
N PRO A 24 -0.75 -17.32 16.74
CA PRO A 24 -0.96 -15.87 16.78
C PRO A 24 -1.61 -15.57 18.13
N ASP A 25 -1.24 -14.45 18.73
CA ASP A 25 -1.76 -14.04 20.05
C ASP A 25 -3.01 -13.17 19.97
N PRO A 26 -4.13 -13.63 20.58
CA PRO A 26 -5.38 -12.85 20.55
C PRO A 26 -5.16 -11.39 20.99
N VAL A 27 -4.17 -11.17 21.85
CA VAL A 27 -3.88 -9.83 22.36
C VAL A 27 -3.47 -8.84 21.25
N GLN A 28 -2.67 -9.31 20.30
CA GLN A 28 -2.28 -8.45 19.20
C GLN A 28 -3.49 -8.21 18.30
N ALA A 29 -4.26 -9.27 18.05
CA ALA A 29 -5.44 -9.18 17.18
C ALA A 29 -6.42 -8.16 17.69
N ALA A 30 -6.52 -8.04 19.02
CA ALA A 30 -7.43 -7.08 19.63
C ALA A 30 -7.02 -5.63 19.33
N PHE A 31 -5.73 -5.32 19.40
CA PHE A 31 -5.26 -3.96 19.10
C PHE A 31 -5.57 -3.60 17.64
N ILE A 32 -5.29 -4.52 16.72
CA ILE A 32 -5.51 -4.29 15.28
C ILE A 32 -6.99 -4.02 15.05
N ALA A 33 -7.84 -4.90 15.58
CA ALA A 33 -9.29 -4.79 15.42
C ALA A 33 -9.87 -3.48 15.97
N GLU A 34 -9.48 -3.12 17.17
CA GLU A 34 -10.00 -1.89 17.78
C GLU A 34 -9.59 -0.63 17.01
N GLN A 35 -8.57 -0.75 16.17
CA GLN A 35 -8.08 0.40 15.41
C GLN A 35 -8.45 0.31 13.95
N ALA A 36 -9.29 -0.65 13.60
CA ALA A 36 -9.70 -0.83 12.21
C ALA A 36 -11.21 -0.86 12.07
N GLY A 37 -11.93 -0.42 13.10
CA GLY A 37 -13.39 -0.40 13.05
C GLY A 37 -14.16 -1.17 14.14
N ALA A 38 -13.47 -1.95 14.95
CA ALA A 38 -14.13 -2.69 16.03
C ALA A 38 -14.35 -1.72 17.19
N ASP A 39 -15.57 -1.66 17.69
CA ASP A 39 -15.92 -0.77 18.81
C ASP A 39 -15.83 -1.57 20.10
N GLY A 40 -15.59 -2.86 19.96
CA GLY A 40 -15.48 -3.71 21.13
C GLY A 40 -14.93 -5.06 20.76
N ILE A 41 -14.26 -5.72 21.70
CA ILE A 41 -13.72 -7.04 21.42
C ILE A 41 -14.51 -8.10 22.16
N THR A 42 -14.87 -9.15 21.44
CA THR A 42 -15.65 -10.23 22.01
C THR A 42 -14.85 -11.52 22.05
N VAL A 43 -14.95 -12.22 23.18
CA VAL A 43 -14.28 -13.50 23.38
C VAL A 43 -15.23 -14.44 24.12
N HIS A 44 -15.30 -15.68 23.66
CA HIS A 44 -16.16 -16.68 24.27
C HIS A 44 -15.28 -17.66 25.03
N LEU A 45 -15.28 -17.55 26.36
CA LEU A 45 -14.49 -18.45 27.19
C LEU A 45 -15.25 -19.77 27.16
N ARG A 46 -14.68 -20.79 26.53
CA ARG A 46 -15.35 -22.08 26.48
C ARG A 46 -14.86 -22.94 27.63
N GLU A 47 -15.74 -23.80 28.12
CA GLU A 47 -15.46 -24.71 29.23
C GLU A 47 -14.28 -25.61 28.88
N ASP A 48 -14.22 -26.04 27.62
CA ASP A 48 -13.15 -26.89 27.16
C ASP A 48 -11.94 -26.03 26.71
N ARG A 49 -12.02 -24.73 26.94
CA ARG A 49 -10.95 -23.80 26.57
C ARG A 49 -10.30 -24.15 25.21
N ARG A 50 -11.11 -24.47 24.22
CA ARG A 50 -10.58 -24.83 22.91
C ARG A 50 -9.81 -23.68 22.24
N HIS A 51 -10.21 -22.44 22.50
CA HIS A 51 -9.48 -21.31 21.92
C HIS A 51 -9.10 -20.26 22.96
N ILE A 52 -10.03 -19.40 23.37
CA ILE A 52 -9.69 -18.39 24.37
C ILE A 52 -9.42 -19.04 25.73
N THR A 53 -8.34 -18.61 26.39
CA THR A 53 -7.97 -19.18 27.69
C THR A 53 -8.12 -18.16 28.80
N ASP A 54 -7.89 -18.59 30.04
CA ASP A 54 -8.00 -17.69 31.17
C ASP A 54 -6.93 -16.62 31.06
N ARG A 55 -5.78 -16.98 30.49
CA ARG A 55 -4.67 -16.04 30.30
C ARG A 55 -5.15 -14.90 29.40
N ASP A 56 -5.66 -15.29 28.23
CA ASP A 56 -6.18 -14.35 27.25
C ASP A 56 -7.07 -13.35 27.94
N VAL A 57 -8.13 -13.87 28.56
CA VAL A 57 -9.10 -13.05 29.26
C VAL A 57 -8.45 -12.16 30.30
N ARG A 58 -7.49 -12.69 31.03
CA ARG A 58 -6.80 -11.89 32.04
C ARG A 58 -5.92 -10.78 31.45
N ILE A 59 -5.25 -11.04 30.34
CA ILE A 59 -4.40 -10.02 29.72
C ILE A 59 -5.21 -9.02 28.88
N LEU A 60 -6.16 -9.54 28.11
CA LEU A 60 -7.05 -8.70 27.28
C LEU A 60 -7.76 -7.68 28.17
N ARG A 61 -8.15 -8.11 29.35
CA ARG A 61 -8.86 -7.21 30.26
C ARG A 61 -8.02 -5.99 30.60
N GLN A 62 -6.70 -6.12 30.48
CA GLN A 62 -5.79 -5.02 30.79
C GLN A 62 -5.28 -4.31 29.55
N THR A 63 -5.38 -4.96 28.39
CA THR A 63 -4.88 -4.35 27.17
C THR A 63 -5.94 -3.75 26.25
N LEU A 64 -7.20 -4.16 26.42
CA LEU A 64 -8.27 -3.61 25.58
C LEU A 64 -8.42 -2.11 25.77
N ASP A 65 -8.46 -1.39 24.66
CA ASP A 65 -8.62 0.05 24.71
C ASP A 65 -10.11 0.42 24.70
N THR A 66 -10.96 -0.50 24.27
CA THR A 66 -12.39 -0.21 24.21
C THR A 66 -13.11 -0.90 25.36
N ARG A 67 -13.65 -2.09 25.13
CA ARG A 67 -14.34 -2.82 26.17
C ARG A 67 -14.56 -4.25 25.78
N MET A 68 -14.57 -5.13 26.78
CA MET A 68 -14.75 -6.56 26.57
C MET A 68 -16.20 -7.04 26.65
N ASN A 69 -16.54 -7.96 25.76
CA ASN A 69 -17.84 -8.56 25.74
C ASN A 69 -17.51 -10.04 25.93
N LEU A 70 -17.79 -10.56 27.13
CA LEU A 70 -17.47 -11.94 27.47
C LEU A 70 -18.62 -12.88 27.17
N GLU A 71 -18.44 -13.76 26.19
CA GLU A 71 -19.49 -14.72 25.91
C GLU A 71 -19.23 -15.94 26.76
N MET A 72 -20.28 -16.46 27.37
CA MET A 72 -20.15 -17.62 28.26
C MET A 72 -21.47 -18.35 28.49
N ALA A 73 -21.36 -19.54 29.06
CA ALA A 73 -22.51 -20.36 29.37
C ALA A 73 -22.93 -19.94 30.75
N VAL A 74 -24.16 -20.26 31.13
CA VAL A 74 -24.61 -19.91 32.45
C VAL A 74 -24.30 -21.06 33.41
N THR A 75 -23.09 -21.02 33.97
CA THR A 75 -22.66 -22.03 34.92
C THR A 75 -21.99 -21.28 36.08
N GLU A 76 -21.75 -21.99 37.17
CA GLU A 76 -21.15 -21.36 38.32
C GLU A 76 -19.73 -20.90 38.02
N GLU A 77 -18.98 -21.75 37.32
CA GLU A 77 -17.60 -21.45 36.96
C GLU A 77 -17.55 -20.10 36.27
N MET A 78 -18.23 -20.01 35.13
CA MET A 78 -18.27 -18.79 34.34
C MET A 78 -18.75 -17.55 35.09
N LEU A 79 -19.91 -17.63 35.72
CA LEU A 79 -20.45 -16.49 36.48
C LEU A 79 -19.45 -15.95 37.48
N ALA A 80 -18.70 -16.84 38.12
CA ALA A 80 -17.71 -16.41 39.10
C ALA A 80 -16.56 -15.69 38.41
N ILE A 81 -16.19 -16.19 37.23
CA ILE A 81 -15.12 -15.63 36.42
C ILE A 81 -15.53 -14.24 35.92
N ALA A 82 -16.76 -14.11 35.44
CA ALA A 82 -17.27 -12.84 34.94
C ALA A 82 -17.30 -11.80 36.05
N VAL A 83 -17.84 -12.17 37.21
CA VAL A 83 -17.89 -11.24 38.34
C VAL A 83 -16.48 -10.76 38.72
N GLU A 84 -15.51 -11.66 38.64
CA GLU A 84 -14.13 -11.32 38.97
C GLU A 84 -13.47 -10.49 37.86
N THR A 85 -13.79 -10.81 36.60
CA THR A 85 -13.23 -10.08 35.46
C THR A 85 -13.89 -8.72 35.30
N LYS A 86 -15.20 -8.67 35.53
CA LYS A 86 -15.94 -7.43 35.39
C LYS A 86 -15.84 -6.83 34.00
N PRO A 87 -16.28 -7.60 32.98
CA PRO A 87 -16.26 -7.17 31.57
C PRO A 87 -17.33 -6.09 31.45
N HIS A 88 -17.19 -5.19 30.49
CA HIS A 88 -18.19 -4.14 30.33
C HIS A 88 -19.51 -4.83 29.98
N PHE A 89 -19.44 -5.80 29.07
CA PHE A 89 -20.60 -6.54 28.62
C PHE A 89 -20.37 -8.02 28.84
N CYS A 90 -21.45 -8.77 28.91
CA CYS A 90 -21.41 -10.21 29.10
C CYS A 90 -22.61 -10.77 28.35
N CYS A 91 -22.37 -11.76 27.49
CA CYS A 91 -23.45 -12.37 26.71
C CYS A 91 -23.59 -13.84 27.09
N LEU A 92 -24.77 -14.21 27.58
CA LEU A 92 -25.03 -15.58 28.02
C LEU A 92 -25.52 -16.40 26.84
N VAL A 93 -24.91 -17.55 26.63
CA VAL A 93 -25.27 -18.41 25.50
C VAL A 93 -25.43 -19.88 25.86
N PRO A 94 -26.16 -20.64 25.02
CA PRO A 94 -26.38 -22.06 25.27
C PRO A 94 -25.05 -22.72 24.98
N GLU A 95 -24.66 -23.68 25.81
CA GLU A 95 -23.39 -24.36 25.60
C GLU A 95 -23.38 -25.84 25.86
N LYS A 96 -22.77 -26.57 24.94
CA LYS A 96 -22.63 -28.00 25.04
C LYS A 96 -21.15 -28.25 24.75
N ARG A 97 -20.47 -28.83 25.73
CA ARG A 97 -19.04 -29.10 25.64
C ARG A 97 -18.51 -29.58 24.29
N GLN A 98 -19.21 -30.51 23.65
CA GLN A 98 -18.75 -31.07 22.38
C GLN A 98 -19.24 -30.41 21.09
N GLU A 99 -19.86 -29.23 21.19
CA GLU A 99 -20.40 -28.56 20.00
C GLU A 99 -19.36 -27.97 19.06
N VAL A 100 -19.74 -27.89 17.79
CA VAL A 100 -18.90 -27.31 16.75
C VAL A 100 -18.81 -25.83 17.14
N THR A 101 -19.97 -25.19 17.24
CA THR A 101 -20.08 -23.80 17.64
C THR A 101 -21.44 -23.65 18.32
N THR A 102 -21.71 -22.46 18.86
CA THR A 102 -22.98 -22.23 19.55
C THR A 102 -24.17 -22.69 18.70
N GLU A 103 -24.97 -23.59 19.26
CA GLU A 103 -26.15 -24.13 18.58
C GLU A 103 -27.15 -23.03 18.29
N GLY A 104 -27.25 -22.09 19.22
CA GLY A 104 -28.14 -20.96 19.03
C GLY A 104 -29.41 -20.84 19.83
N GLY A 105 -29.47 -19.80 20.66
CA GLY A 105 -30.67 -19.54 21.45
C GLY A 105 -30.82 -20.08 22.86
N LEU A 106 -30.69 -19.19 23.84
CA LEU A 106 -30.87 -19.54 25.25
C LEU A 106 -32.35 -19.77 25.49
N ASP A 107 -32.67 -20.78 26.29
CA ASP A 107 -34.05 -21.04 26.64
C ASP A 107 -34.30 -20.19 27.88
N VAL A 108 -34.72 -18.96 27.68
CA VAL A 108 -34.98 -18.07 28.81
C VAL A 108 -36.37 -18.33 29.38
N ALA A 109 -37.36 -18.44 28.50
CA ALA A 109 -38.75 -18.66 28.92
C ALA A 109 -38.92 -19.95 29.68
N GLY A 110 -37.99 -20.88 29.49
CA GLY A 110 -38.06 -22.16 30.17
C GLY A 110 -37.17 -22.21 31.39
N GLN A 111 -36.53 -21.08 31.72
CA GLN A 111 -35.63 -21.04 32.88
C GLN A 111 -35.56 -19.64 33.46
N ARG A 112 -36.72 -18.99 33.61
CA ARG A 112 -36.75 -17.63 34.11
C ARG A 112 -36.03 -17.39 35.43
N ASP A 113 -36.12 -18.32 36.38
CA ASP A 113 -35.44 -18.17 37.66
C ASP A 113 -33.91 -18.19 37.55
N LYS A 114 -33.37 -19.14 36.78
CA LYS A 114 -31.93 -19.23 36.61
C LYS A 114 -31.38 -17.96 35.95
N MET A 115 -32.00 -17.58 34.84
CA MET A 115 -31.61 -16.40 34.08
C MET A 115 -31.86 -15.12 34.85
N ARG A 116 -32.85 -15.14 35.73
CA ARG A 116 -33.15 -13.96 36.54
C ARG A 116 -32.03 -13.74 37.55
N ASP A 117 -31.59 -14.81 38.19
CA ASP A 117 -30.55 -14.70 39.19
C ASP A 117 -29.20 -14.38 38.56
N ALA A 118 -28.97 -14.90 37.36
CA ALA A 118 -27.73 -14.64 36.64
C ALA A 118 -27.63 -13.14 36.34
N CYS A 119 -28.65 -12.60 35.68
CA CYS A 119 -28.64 -11.19 35.34
C CYS A 119 -28.41 -10.31 36.57
N LYS A 120 -29.16 -10.58 37.63
CA LYS A 120 -29.03 -9.79 38.86
C LYS A 120 -27.59 -9.80 39.33
N ARG A 121 -27.07 -11.01 39.49
CA ARG A 121 -25.71 -11.21 39.94
C ARG A 121 -24.68 -10.44 39.09
N LEU A 122 -24.79 -10.56 37.76
CA LEU A 122 -23.87 -9.87 36.86
C LEU A 122 -24.07 -8.36 36.91
N ALA A 123 -25.32 -7.94 37.06
CA ALA A 123 -25.61 -6.53 37.13
C ALA A 123 -25.14 -5.95 38.46
N ASP A 124 -25.06 -6.77 39.50
CA ASP A 124 -24.59 -6.30 40.81
C ASP A 124 -23.08 -6.03 40.71
N ALA A 125 -22.42 -6.78 39.82
CA ALA A 125 -20.99 -6.62 39.60
C ALA A 125 -20.75 -5.49 38.61
N GLY A 126 -21.83 -4.88 38.14
CA GLY A 126 -21.73 -3.78 37.20
C GLY A 126 -21.53 -4.18 35.76
N ILE A 127 -22.03 -5.37 35.41
CA ILE A 127 -21.89 -5.91 34.05
C ILE A 127 -23.20 -5.82 33.25
N GLN A 128 -23.19 -5.13 32.12
CA GLN A 128 -24.40 -5.05 31.30
C GLN A 128 -24.56 -6.39 30.60
N VAL A 129 -25.65 -7.08 30.92
CA VAL A 129 -25.93 -8.43 30.40
C VAL A 129 -26.73 -8.55 29.10
N SER A 130 -26.28 -9.43 28.24
CA SER A 130 -26.94 -9.68 26.97
C SER A 130 -27.35 -11.14 26.90
N LEU A 131 -28.63 -11.39 26.64
CA LEU A 131 -29.12 -12.76 26.53
C LEU A 131 -29.19 -13.14 25.07
N PHE A 132 -28.37 -14.11 24.69
CA PHE A 132 -28.34 -14.59 23.30
C PHE A 132 -29.57 -15.45 23.06
N ILE A 133 -30.46 -15.00 22.19
CA ILE A 133 -31.68 -15.77 21.94
C ILE A 133 -32.07 -15.82 20.48
N ASP A 134 -33.11 -16.60 20.20
CA ASP A 134 -33.65 -16.77 18.85
C ASP A 134 -34.62 -15.63 18.52
N ALA A 135 -34.98 -15.47 17.26
CA ALA A 135 -35.91 -14.43 16.85
C ALA A 135 -37.29 -14.94 17.22
N ASP A 136 -37.50 -15.12 18.52
CA ASP A 136 -38.74 -15.66 19.08
C ASP A 136 -39.28 -14.68 20.11
N GLU A 137 -40.48 -14.16 19.88
CA GLU A 137 -41.03 -13.19 20.80
C GLU A 137 -41.29 -13.73 22.21
N GLU A 138 -41.37 -15.05 22.37
CA GLU A 138 -41.60 -15.61 23.70
C GLU A 138 -40.30 -15.48 24.48
N GLN A 139 -39.21 -15.84 23.83
CA GLN A 139 -37.89 -15.75 24.45
C GLN A 139 -37.56 -14.29 24.71
N ILE A 140 -37.95 -13.43 23.77
CA ILE A 140 -37.72 -11.98 23.90
C ILE A 140 -38.50 -11.39 25.08
N LYS A 141 -39.80 -11.67 25.17
CA LYS A 141 -40.60 -11.17 26.28
C LYS A 141 -39.98 -11.66 27.60
N ALA A 142 -39.54 -12.91 27.60
CA ALA A 142 -38.91 -13.52 28.77
C ALA A 142 -37.63 -12.75 29.11
N ALA A 143 -36.81 -12.50 28.10
CA ALA A 143 -35.55 -11.78 28.29
C ALA A 143 -35.82 -10.46 29.00
N ALA A 144 -36.84 -9.76 28.54
CA ALA A 144 -37.20 -8.48 29.14
C ALA A 144 -37.66 -8.69 30.57
N GLU A 145 -38.54 -9.66 30.77
CA GLU A 145 -39.05 -9.95 32.11
C GLU A 145 -37.98 -10.31 33.15
N VAL A 146 -36.97 -11.08 32.76
CA VAL A 146 -35.93 -11.47 33.71
C VAL A 146 -34.99 -10.32 34.10
N GLY A 147 -35.02 -9.22 33.36
CA GLY A 147 -34.18 -8.09 33.73
C GLY A 147 -32.95 -7.75 32.90
N ALA A 148 -32.73 -8.48 31.81
CA ALA A 148 -31.57 -8.21 30.97
C ALA A 148 -31.76 -6.92 30.18
N PRO A 149 -30.73 -6.06 30.12
CA PRO A 149 -30.83 -4.81 29.37
C PRO A 149 -30.57 -5.03 27.88
N PHE A 150 -29.97 -6.18 27.57
CA PHE A 150 -29.67 -6.54 26.18
C PHE A 150 -30.06 -7.97 25.84
N ILE A 151 -30.24 -8.19 24.54
CA ILE A 151 -30.51 -9.50 23.97
C ILE A 151 -29.75 -9.42 22.65
N GLU A 152 -29.41 -10.57 22.09
CA GLU A 152 -28.73 -10.60 20.81
C GLU A 152 -29.44 -11.67 19.99
N ILE A 153 -30.15 -11.23 18.96
CA ILE A 153 -30.86 -12.17 18.12
C ILE A 153 -29.88 -13.05 17.33
N HIS A 154 -30.11 -14.36 17.38
CA HIS A 154 -29.28 -15.34 16.69
C HIS A 154 -29.53 -15.33 15.18
N THR A 155 -28.52 -14.90 14.43
CA THR A 155 -28.65 -14.80 12.98
C THR A 155 -28.23 -16.06 12.21
N GLY A 156 -28.04 -17.16 12.94
CA GLY A 156 -27.63 -18.41 12.31
C GLY A 156 -28.57 -19.01 11.30
N CYS A 157 -29.87 -18.97 11.54
CA CYS A 157 -30.83 -19.56 10.58
C CYS A 157 -30.86 -18.73 9.30
N TYR A 158 -30.79 -17.41 9.48
CA TYR A 158 -30.76 -16.51 8.35
C TYR A 158 -29.51 -16.82 7.53
N ALA A 159 -28.39 -16.96 8.22
CA ALA A 159 -27.12 -17.23 7.54
C ALA A 159 -27.11 -18.57 6.81
N ASP A 160 -27.67 -19.61 7.42
CA ASP A 160 -27.68 -20.94 6.81
C ASP A 160 -28.87 -21.19 5.91
N ALA A 161 -29.63 -20.14 5.58
CA ALA A 161 -30.78 -20.30 4.69
C ALA A 161 -30.33 -21.04 3.42
N LYS A 162 -31.16 -21.96 2.95
CA LYS A 162 -30.81 -22.71 1.76
C LYS A 162 -31.40 -22.16 0.47
N THR A 163 -32.42 -21.31 0.60
CA THR A 163 -33.06 -20.71 -0.59
C THR A 163 -33.22 -19.21 -0.38
N ASP A 164 -33.32 -18.47 -1.47
CA ASP A 164 -33.49 -17.03 -1.35
C ASP A 164 -34.74 -16.73 -0.54
N ALA A 165 -35.76 -17.57 -0.70
CA ALA A 165 -37.03 -17.41 0.01
C ALA A 165 -36.92 -17.68 1.50
N GLU A 166 -36.22 -18.75 1.87
CA GLU A 166 -36.04 -19.07 3.28
C GLU A 166 -35.24 -17.95 3.97
N GLN A 167 -34.27 -17.41 3.25
CA GLN A 167 -33.44 -16.35 3.80
C GLN A 167 -34.31 -15.12 4.04
N ALA A 168 -35.08 -14.75 3.03
CA ALA A 168 -35.96 -13.59 3.15
C ALA A 168 -36.87 -13.74 4.36
N GLN A 169 -37.40 -14.96 4.52
CA GLN A 169 -38.30 -15.26 5.62
C GLN A 169 -37.62 -15.05 6.98
N GLU A 170 -36.38 -15.52 7.11
CA GLU A 170 -35.64 -15.39 8.36
C GLU A 170 -35.27 -13.93 8.61
N LEU A 171 -34.99 -13.22 7.53
CA LEU A 171 -34.63 -11.81 7.63
C LEU A 171 -35.84 -11.04 8.18
N ALA A 172 -37.00 -11.26 7.58
CA ALA A 172 -38.23 -10.61 8.01
C ALA A 172 -38.52 -10.97 9.46
N ARG A 173 -38.14 -12.19 9.84
CA ARG A 173 -38.36 -12.72 11.18
C ARG A 173 -37.48 -12.01 12.20
N ILE A 174 -36.19 -11.87 11.87
CA ILE A 174 -35.26 -11.17 12.74
C ILE A 174 -35.69 -9.70 12.89
N ALA A 175 -36.13 -9.10 11.78
CA ALA A 175 -36.55 -7.69 11.78
C ALA A 175 -37.75 -7.40 12.69
N LYS A 176 -38.83 -8.16 12.52
CA LYS A 176 -40.02 -7.98 13.35
C LYS A 176 -39.71 -8.29 14.81
N ALA A 177 -38.90 -9.33 15.04
CA ALA A 177 -38.55 -9.70 16.40
C ALA A 177 -37.75 -8.59 17.08
N ALA A 178 -36.90 -7.92 16.30
CA ALA A 178 -36.07 -6.82 16.80
C ALA A 178 -36.95 -5.61 17.17
N THR A 179 -37.97 -5.35 16.37
CA THR A 179 -38.88 -4.23 16.66
C THR A 179 -39.66 -4.54 17.93
N PHE A 180 -40.06 -5.80 18.08
CA PHE A 180 -40.78 -6.21 19.28
C PHE A 180 -39.88 -6.01 20.49
N ALA A 181 -38.65 -6.53 20.42
CA ALA A 181 -37.70 -6.41 21.53
C ALA A 181 -37.52 -4.96 21.96
N ALA A 182 -37.33 -4.07 20.98
CA ALA A 182 -37.14 -2.66 21.29
C ALA A 182 -38.34 -2.07 22.02
N SER A 183 -39.54 -2.52 21.66
CA SER A 183 -40.74 -1.99 22.32
C SER A 183 -40.78 -2.39 23.79
N LEU A 184 -40.01 -3.40 24.18
CA LEU A 184 -39.96 -3.83 25.58
C LEU A 184 -38.85 -3.09 26.36
N GLY A 185 -38.13 -2.19 25.68
CA GLY A 185 -37.06 -1.45 26.32
C GLY A 185 -35.70 -2.13 26.17
N LEU A 186 -35.66 -3.25 25.47
CA LEU A 186 -34.40 -3.96 25.27
C LEU A 186 -33.52 -3.34 24.18
N LYS A 187 -32.21 -3.38 24.40
CA LYS A 187 -31.27 -2.90 23.40
C LYS A 187 -31.02 -4.19 22.65
N VAL A 188 -31.04 -4.14 21.32
CA VAL A 188 -30.90 -5.36 20.56
C VAL A 188 -29.68 -5.53 19.70
N ASN A 189 -28.90 -6.57 19.99
CA ASN A 189 -27.73 -6.88 19.20
C ASN A 189 -28.03 -8.09 18.32
N ALA A 190 -27.08 -8.46 17.46
CA ALA A 190 -27.29 -9.60 16.57
C ALA A 190 -25.95 -10.15 16.16
N GLY A 191 -25.92 -11.44 15.83
CA GLY A 191 -24.67 -12.04 15.43
C GLY A 191 -24.76 -13.54 15.30
N HIS A 192 -23.68 -14.11 14.79
CA HIS A 192 -23.48 -15.54 14.56
C HIS A 192 -23.79 -15.86 13.12
N GLY A 193 -22.75 -16.25 12.39
CA GLY A 193 -22.91 -16.60 10.99
C GLY A 193 -22.93 -15.45 10.00
N LEU A 194 -22.84 -14.22 10.48
CA LEU A 194 -22.86 -13.08 9.57
C LEU A 194 -21.60 -13.10 8.70
N THR A 195 -21.74 -12.68 7.45
CA THR A 195 -20.62 -12.68 6.53
C THR A 195 -20.57 -11.38 5.72
N TYR A 196 -19.52 -11.23 4.90
CA TYR A 196 -19.39 -10.04 4.07
C TYR A 196 -20.53 -9.94 3.06
N HIS A 197 -21.15 -11.07 2.72
CA HIS A 197 -22.24 -11.05 1.76
C HIS A 197 -23.65 -11.09 2.34
N ASN A 198 -23.79 -11.27 3.65
CA ASN A 198 -25.13 -11.25 4.20
C ASN A 198 -25.29 -10.28 5.37
N VAL A 199 -24.25 -9.49 5.64
CA VAL A 199 -24.33 -8.56 6.76
C VAL A 199 -25.19 -7.34 6.49
N LYS A 200 -25.19 -6.84 5.26
CA LYS A 200 -25.96 -5.63 4.96
C LYS A 200 -27.42 -5.68 5.34
N ALA A 201 -28.12 -6.74 4.93
CA ALA A 201 -29.54 -6.88 5.26
C ALA A 201 -29.78 -6.77 6.76
N ILE A 202 -28.88 -7.34 7.56
CA ILE A 202 -29.03 -7.27 9.03
C ILE A 202 -28.66 -5.88 9.56
N ALA A 203 -27.62 -5.27 8.98
CA ALA A 203 -27.18 -3.94 9.39
C ALA A 203 -28.27 -2.92 9.10
N ALA A 204 -29.06 -3.16 8.06
CA ALA A 204 -30.12 -2.23 7.70
C ALA A 204 -31.27 -2.15 8.70
N ILE A 205 -31.36 -3.13 9.60
CA ILE A 205 -32.43 -3.17 10.60
C ILE A 205 -32.16 -2.05 11.62
N PRO A 206 -33.00 -0.99 11.61
CA PRO A 206 -32.85 0.16 12.50
C PRO A 206 -32.62 -0.12 13.98
N GLU A 207 -33.36 -1.06 14.53
CA GLU A 207 -33.24 -1.36 15.94
C GLU A 207 -31.90 -1.95 16.38
N MET A 208 -31.07 -2.41 15.45
CA MET A 208 -29.80 -3.02 15.83
C MET A 208 -28.81 -2.03 16.45
N HIS A 209 -28.22 -2.44 17.56
CA HIS A 209 -27.25 -1.63 18.29
C HIS A 209 -25.83 -2.04 17.90
N GLU A 210 -25.50 -3.30 18.16
CA GLU A 210 -24.18 -3.80 17.82
C GLU A 210 -24.26 -5.17 17.18
N LEU A 211 -23.43 -5.41 16.16
CA LEU A 211 -23.38 -6.71 15.52
C LEU A 211 -22.09 -7.35 16.00
N ASN A 212 -22.14 -8.63 16.36
CA ASN A 212 -20.97 -9.36 16.82
C ASN A 212 -20.61 -10.38 15.74
N ILE A 213 -19.48 -10.17 15.09
CA ILE A 213 -19.04 -11.03 14.01
C ILE A 213 -17.66 -11.55 14.33
N GLY A 214 -17.40 -12.81 14.02
CA GLY A 214 -16.09 -13.38 14.30
C GLY A 214 -15.45 -14.22 13.20
N HIS A 215 -15.90 -15.46 13.08
CA HIS A 215 -15.33 -16.36 12.09
C HIS A 215 -15.15 -15.79 10.69
N ALA A 216 -16.20 -15.24 10.07
CA ALA A 216 -16.07 -14.68 8.72
C ALA A 216 -14.88 -13.69 8.62
N ILE A 217 -14.71 -12.89 9.64
CA ILE A 217 -13.63 -11.92 9.66
C ILE A 217 -12.26 -12.58 9.75
N ILE A 218 -12.14 -13.64 10.56
CA ILE A 218 -10.85 -14.31 10.71
C ILE A 218 -10.52 -15.05 9.42
N GLY A 219 -11.55 -15.59 8.78
CA GLY A 219 -11.38 -16.31 7.53
C GLY A 219 -10.96 -15.38 6.40
N ARG A 220 -11.37 -14.11 6.46
CA ARG A 220 -10.98 -13.15 5.43
C ARG A 220 -9.55 -12.74 5.77
N ALA A 221 -9.31 -12.56 7.06
CA ALA A 221 -8.02 -12.16 7.59
C ALA A 221 -6.82 -13.02 7.17
N VAL A 222 -6.93 -14.35 7.23
CA VAL A 222 -5.76 -15.16 6.83
C VAL A 222 -5.34 -14.81 5.43
N MET A 223 -6.29 -14.32 4.64
CA MET A 223 -5.98 -13.94 3.26
C MET A 223 -5.46 -12.52 3.15
N THR A 224 -6.29 -11.55 3.56
CA THR A 224 -5.98 -10.12 3.45
C THR A 224 -5.44 -9.40 4.67
N GLY A 225 -5.39 -10.06 5.82
CA GLY A 225 -4.91 -9.38 7.01
C GLY A 225 -6.10 -8.87 7.82
N LEU A 226 -5.99 -8.99 9.14
CA LEU A 226 -7.05 -8.59 10.08
C LEU A 226 -7.56 -7.17 9.91
N LYS A 227 -6.64 -6.21 9.73
CA LYS A 227 -7.01 -4.81 9.59
C LYS A 227 -8.01 -4.57 8.48
N ASP A 228 -7.66 -4.94 7.25
CA ASP A 228 -8.56 -4.73 6.13
C ASP A 228 -9.83 -5.51 6.27
N ALA A 229 -9.77 -6.65 6.96
CA ALA A 229 -10.97 -7.46 7.12
C ALA A 229 -11.98 -6.79 8.06
N VAL A 230 -11.51 -6.19 9.14
CA VAL A 230 -12.39 -5.52 10.09
C VAL A 230 -12.95 -4.30 9.40
N ALA A 231 -12.05 -3.50 8.84
CA ALA A 231 -12.43 -2.28 8.13
C ALA A 231 -13.48 -2.55 7.05
N GLU A 232 -13.25 -3.55 6.23
CA GLU A 232 -14.22 -3.87 5.18
C GLU A 232 -15.60 -4.20 5.73
N MET A 233 -15.64 -4.95 6.84
CA MET A 233 -16.93 -5.32 7.44
C MET A 233 -17.63 -4.07 7.94
N LYS A 234 -16.91 -3.25 8.70
CA LYS A 234 -17.50 -2.04 9.26
C LYS A 234 -18.00 -1.14 8.12
N ARG A 235 -17.25 -1.05 7.05
CA ARG A 235 -17.64 -0.23 5.92
C ARG A 235 -18.98 -0.68 5.33
N LEU A 236 -19.13 -1.99 5.15
CA LEU A 236 -20.37 -2.52 4.59
C LEU A 236 -21.50 -2.26 5.56
N MET A 237 -21.21 -2.37 6.85
CA MET A 237 -22.23 -2.12 7.87
C MET A 237 -22.74 -0.69 7.83
N LEU A 238 -21.83 0.28 7.78
CA LEU A 238 -22.26 1.67 7.75
C LEU A 238 -22.96 2.02 6.44
N GLU A 239 -22.52 1.45 5.33
CA GLU A 239 -23.18 1.72 4.05
C GLU A 239 -24.63 1.25 4.10
N ALA A 240 -24.87 0.10 4.72
CA ALA A 240 -26.22 -0.43 4.81
C ALA A 240 -27.14 0.52 5.57
N ARG A 241 -26.60 1.23 6.57
CA ARG A 241 -27.40 2.17 7.35
C ARG A 241 -27.66 3.50 6.62
N GLY A 242 -27.04 3.69 5.45
CA GLY A 242 -27.25 4.94 4.74
C GLY A 242 -28.11 4.87 3.49
N ALA B 1 27.44 -8.61 -17.13
CA ALA B 1 27.32 -7.76 -15.91
C ALA B 1 25.88 -7.75 -15.42
N GLU B 2 25.18 -6.65 -15.71
CA GLU B 2 23.78 -6.49 -15.29
C GLU B 2 22.74 -7.00 -16.29
N LEU B 3 22.06 -8.08 -15.92
CA LEU B 3 21.02 -8.71 -16.74
C LEU B 3 19.89 -7.74 -16.96
N LEU B 4 19.46 -7.59 -18.22
CA LEU B 4 18.38 -6.66 -18.55
C LEU B 4 17.06 -7.39 -18.75
N LEU B 5 15.95 -6.69 -18.55
CA LEU B 5 14.61 -7.26 -18.75
C LEU B 5 13.86 -6.57 -19.90
N GLY B 6 13.39 -7.35 -20.87
CA GLY B 6 12.63 -6.79 -21.96
C GLY B 6 11.20 -7.30 -21.79
N VAL B 7 10.24 -6.39 -21.56
CA VAL B 7 8.85 -6.82 -21.38
C VAL B 7 8.04 -6.77 -22.66
N ASN B 8 7.43 -7.90 -23.01
CA ASN B 8 6.61 -7.97 -24.20
C ASN B 8 5.17 -7.66 -23.80
N ILE B 9 4.63 -6.57 -24.33
CA ILE B 9 3.27 -6.19 -23.99
C ILE B 9 2.20 -6.64 -24.98
N ASP B 10 2.56 -7.58 -25.87
CA ASP B 10 1.61 -8.09 -26.85
C ASP B 10 0.25 -8.41 -26.25
N HIS B 11 0.25 -9.20 -25.19
CA HIS B 11 -1.02 -9.64 -24.62
C HIS B 11 -1.90 -8.65 -23.89
N ILE B 12 -1.41 -7.41 -23.80
CA ILE B 12 -2.19 -6.32 -23.24
C ILE B 12 -3.16 -6.10 -24.41
N ALA B 13 -2.61 -6.02 -25.62
CA ALA B 13 -3.39 -5.85 -26.85
C ALA B 13 -4.32 -7.01 -27.17
N THR B 14 -3.95 -8.25 -26.85
CA THR B 14 -4.87 -9.34 -27.18
C THR B 14 -6.15 -9.12 -26.38
N LEU B 15 -5.98 -8.67 -25.14
CA LEU B 15 -7.10 -8.42 -24.25
C LEU B 15 -7.97 -7.29 -24.83
N ARG B 16 -7.33 -6.28 -25.39
CA ARG B 16 -8.03 -5.17 -26.01
C ARG B 16 -8.80 -5.62 -27.26
N ASN B 17 -8.07 -6.24 -28.17
CA ASN B 17 -8.62 -6.68 -29.44
C ASN B 17 -9.73 -7.71 -29.29
N ALA B 18 -9.78 -8.41 -28.16
CA ALA B 18 -10.82 -9.41 -27.97
C ALA B 18 -12.17 -8.74 -28.05
N ARG B 19 -12.14 -7.41 -27.98
CA ARG B 19 -13.34 -6.61 -27.98
C ARG B 19 -13.38 -5.47 -28.98
N GLY B 20 -12.24 -4.96 -29.38
CA GLY B 20 -12.24 -3.85 -30.31
C GLY B 20 -12.51 -2.51 -29.63
N THR B 21 -12.23 -2.43 -28.34
CA THR B 21 -12.39 -1.19 -27.56
C THR B 21 -11.00 -0.57 -27.62
N ALA B 22 -10.77 0.54 -26.92
CA ALA B 22 -9.44 1.15 -26.96
C ALA B 22 -8.56 0.68 -25.78
N TYR B 23 -9.20 0.19 -24.74
CA TYR B 23 -8.47 -0.25 -23.55
C TYR B 23 -8.54 -1.78 -23.50
N PRO B 24 -7.55 -2.43 -22.85
CA PRO B 24 -6.41 -1.80 -22.16
C PRO B 24 -5.45 -1.32 -23.26
N ASP B 25 -4.88 -0.14 -23.11
CA ASP B 25 -4.00 0.41 -24.15
C ASP B 25 -2.51 0.10 -23.97
N PRO B 26 -1.89 -0.58 -24.94
CA PRO B 26 -0.47 -0.92 -24.84
C PRO B 26 0.39 0.27 -24.41
N VAL B 27 0.03 1.46 -24.88
CA VAL B 27 0.77 2.67 -24.57
C VAL B 27 0.84 2.94 -23.07
N GLN B 28 -0.20 2.59 -22.33
CA GLN B 28 -0.18 2.79 -20.89
C GLN B 28 0.69 1.69 -20.27
N ALA B 29 0.52 0.46 -20.76
CA ALA B 29 1.28 -0.65 -20.23
C ALA B 29 2.79 -0.42 -20.35
N ALA B 30 3.21 0.25 -21.43
CA ALA B 30 4.64 0.54 -21.65
C ALA B 30 5.22 1.41 -20.54
N PHE B 31 4.61 2.56 -20.29
CA PHE B 31 5.09 3.47 -19.23
C PHE B 31 5.22 2.75 -17.87
N ILE B 32 4.20 1.96 -17.51
CA ILE B 32 4.20 1.25 -16.25
C ILE B 32 5.42 0.35 -16.15
N ALA B 33 5.63 -0.47 -17.18
CA ALA B 33 6.74 -1.41 -17.21
C ALA B 33 8.12 -0.76 -17.17
N GLU B 34 8.33 0.22 -18.05
CA GLU B 34 9.60 0.94 -18.11
C GLU B 34 9.95 1.53 -16.76
N GLN B 35 8.93 1.78 -15.95
CA GLN B 35 9.12 2.35 -14.64
C GLN B 35 9.09 1.32 -13.51
N ALA B 36 8.93 0.04 -13.85
CA ALA B 36 8.89 -1.01 -12.83
C ALA B 36 10.00 -2.06 -12.96
N GLY B 37 11.00 -1.80 -13.80
CA GLY B 37 12.09 -2.75 -13.97
C GLY B 37 12.38 -3.19 -15.40
N ALA B 38 11.56 -2.77 -16.35
CA ALA B 38 11.80 -3.13 -17.75
C ALA B 38 12.88 -2.19 -18.30
N ASP B 39 13.80 -2.73 -19.09
CA ASP B 39 14.87 -1.91 -19.64
C ASP B 39 14.55 -1.57 -21.10
N GLY B 40 13.55 -2.26 -21.63
CA GLY B 40 13.13 -2.04 -23.00
C GLY B 40 11.77 -2.68 -23.19
N ILE B 41 11.00 -2.20 -24.15
CA ILE B 41 9.70 -2.80 -24.40
C ILE B 41 9.70 -3.58 -25.71
N THR B 42 9.07 -4.74 -25.69
CA THR B 42 9.01 -5.60 -26.86
C THR B 42 7.57 -5.70 -27.34
N VAL B 43 7.41 -5.69 -28.67
CA VAL B 43 6.09 -5.86 -29.26
C VAL B 43 6.30 -6.62 -30.55
N HIS B 44 5.44 -7.60 -30.78
CA HIS B 44 5.52 -8.41 -31.97
C HIS B 44 4.39 -8.02 -32.93
N LEU B 45 4.76 -7.51 -34.10
CA LEU B 45 3.79 -7.12 -35.13
C LEU B 45 3.47 -8.38 -35.91
N ARG B 46 2.36 -9.05 -35.57
CA ARG B 46 1.93 -10.28 -36.26
C ARG B 46 1.43 -9.93 -37.67
N GLU B 47 1.48 -10.90 -38.59
CA GLU B 47 1.01 -10.66 -39.95
C GLU B 47 -0.48 -10.36 -39.92
N ASP B 48 -1.18 -11.04 -39.03
CA ASP B 48 -2.62 -10.89 -38.89
C ASP B 48 -3.01 -9.77 -37.92
N ARG B 49 -2.03 -8.98 -37.48
CA ARG B 49 -2.26 -7.89 -36.52
C ARG B 49 -3.18 -8.35 -35.40
N ARG B 50 -2.93 -9.58 -34.97
CA ARG B 50 -3.65 -10.26 -33.89
C ARG B 50 -3.82 -9.42 -32.62
N HIS B 51 -2.76 -8.72 -32.19
CA HIS B 51 -2.83 -7.86 -31.01
C HIS B 51 -2.19 -6.50 -31.28
N ILE B 52 -0.87 -6.42 -31.25
CA ILE B 52 -0.17 -5.17 -31.53
C ILE B 52 -0.55 -4.74 -32.95
N THR B 53 -0.94 -3.48 -33.10
CA THR B 53 -1.32 -2.95 -34.40
C THR B 53 -0.31 -1.91 -34.90
N ASP B 54 -0.47 -1.46 -36.14
CA ASP B 54 0.44 -0.46 -36.67
C ASP B 54 0.29 0.80 -35.81
N ARG B 55 -0.93 1.07 -35.36
CA ARG B 55 -1.18 2.24 -34.53
C ARG B 55 -0.28 2.15 -33.31
N ASP B 56 -0.33 1.01 -32.63
CA ASP B 56 0.47 0.79 -31.43
C ASP B 56 1.95 1.08 -31.63
N VAL B 57 2.50 0.58 -32.72
CA VAL B 57 3.92 0.75 -33.02
C VAL B 57 4.23 2.21 -33.29
N ARG B 58 3.32 2.88 -34.01
CA ARG B 58 3.50 4.28 -34.37
C ARG B 58 3.52 5.21 -33.15
N ILE B 59 2.65 4.96 -32.18
CA ILE B 59 2.61 5.77 -30.99
C ILE B 59 3.71 5.33 -30.01
N LEU B 60 3.78 4.04 -29.76
CA LEU B 60 4.79 3.46 -28.89
C LEU B 60 6.17 4.03 -29.21
N ARG B 61 6.47 4.09 -30.50
CA ARG B 61 7.75 4.60 -30.96
C ARG B 61 8.01 6.02 -30.47
N GLN B 62 6.95 6.80 -30.31
CA GLN B 62 7.08 8.18 -29.83
C GLN B 62 6.92 8.34 -28.31
N THR B 63 6.33 7.34 -27.65
CA THR B 63 6.13 7.42 -26.21
C THR B 63 7.11 6.63 -25.34
N LEU B 64 7.75 5.60 -25.88
CA LEU B 64 8.68 4.83 -25.08
C LEU B 64 9.80 5.73 -24.60
N ASP B 65 10.27 5.45 -23.38
CA ASP B 65 11.34 6.23 -22.78
C ASP B 65 12.63 5.45 -22.89
N THR B 66 12.52 4.13 -23.00
CA THR B 66 13.69 3.27 -23.11
C THR B 66 13.96 2.99 -24.60
N ARG B 67 13.58 1.82 -25.11
CA ARG B 67 13.74 1.51 -26.54
C ARG B 67 12.93 0.31 -27.01
N MET B 68 12.54 0.34 -28.28
CA MET B 68 11.72 -0.71 -28.84
C MET B 68 12.49 -1.92 -29.36
N ASN B 69 11.89 -3.09 -29.15
CA ASN B 69 12.45 -4.33 -29.66
C ASN B 69 11.29 -4.89 -30.47
N LEU B 70 11.36 -4.70 -31.79
CA LEU B 70 10.32 -5.14 -32.70
C LEU B 70 10.52 -6.57 -33.19
N GLU B 71 9.66 -7.49 -32.72
CA GLU B 71 9.73 -8.87 -33.14
C GLU B 71 8.85 -8.96 -34.38
N MET B 72 9.35 -9.62 -35.42
CA MET B 72 8.60 -9.72 -36.69
C MET B 72 9.12 -10.85 -37.55
N ALA B 73 8.34 -11.18 -38.58
CA ALA B 73 8.69 -12.23 -39.53
C ALA B 73 9.62 -11.61 -40.55
N VAL B 74 10.32 -12.46 -41.28
CA VAL B 74 11.24 -11.99 -42.32
C VAL B 74 10.44 -11.91 -43.62
N THR B 75 9.74 -10.80 -43.82
CA THR B 75 8.95 -10.60 -45.04
C THR B 75 9.24 -9.18 -45.52
N GLU B 76 8.96 -8.91 -46.80
CA GLU B 76 9.21 -7.58 -47.33
C GLU B 76 8.37 -6.51 -46.64
N GLU B 77 7.16 -6.89 -46.25
CA GLU B 77 6.29 -5.95 -45.56
C GLU B 77 6.93 -5.51 -44.25
N MET B 78 7.30 -6.49 -43.43
CA MET B 78 7.91 -6.20 -42.14
C MET B 78 9.23 -5.47 -42.24
N LEU B 79 10.11 -5.94 -43.13
CA LEU B 79 11.41 -5.29 -43.30
C LEU B 79 11.22 -3.82 -43.65
N ALA B 80 10.22 -3.55 -44.48
CA ALA B 80 9.89 -2.20 -44.90
C ALA B 80 9.41 -1.41 -43.70
N ILE B 81 8.56 -2.02 -42.89
CA ILE B 81 8.04 -1.37 -41.69
C ILE B 81 9.14 -1.09 -40.69
N ALA B 82 10.03 -2.06 -40.49
CA ALA B 82 11.15 -1.92 -39.56
C ALA B 82 12.09 -0.79 -39.99
N VAL B 83 12.54 -0.83 -41.24
CA VAL B 83 13.42 0.20 -41.78
C VAL B 83 12.80 1.58 -41.60
N GLU B 84 11.49 1.65 -41.77
CA GLU B 84 10.76 2.91 -41.65
C GLU B 84 10.62 3.33 -40.19
N THR B 85 10.32 2.37 -39.32
CA THR B 85 10.12 2.67 -37.91
C THR B 85 11.42 3.00 -37.18
N LYS B 86 12.47 2.26 -37.50
CA LYS B 86 13.75 2.49 -36.86
C LYS B 86 13.72 2.10 -35.39
N PRO B 87 13.32 0.86 -35.08
CA PRO B 87 13.31 0.46 -33.66
C PRO B 87 14.75 0.28 -33.21
N HIS B 88 15.03 0.47 -31.92
CA HIS B 88 16.39 0.29 -31.45
C HIS B 88 16.80 -1.13 -31.77
N PHE B 89 15.96 -2.08 -31.38
CA PHE B 89 16.21 -3.49 -31.65
C PHE B 89 15.11 -4.08 -32.52
N CYS B 90 15.46 -5.17 -33.18
CA CYS B 90 14.55 -5.89 -34.05
C CYS B 90 14.90 -7.37 -33.88
N CYS B 91 13.90 -8.22 -33.63
CA CYS B 91 14.14 -9.65 -33.46
C CYS B 91 13.37 -10.42 -34.55
N LEU B 92 14.09 -11.16 -35.40
CA LEU B 92 13.47 -11.92 -36.49
C LEU B 92 12.95 -13.26 -35.98
N VAL B 93 11.68 -13.53 -36.29
CA VAL B 93 11.01 -14.73 -35.80
C VAL B 93 10.25 -15.53 -36.88
N PRO B 94 10.10 -16.86 -36.67
CA PRO B 94 9.36 -17.67 -37.64
C PRO B 94 7.91 -17.37 -37.32
N GLU B 95 7.04 -17.34 -38.32
CA GLU B 95 5.65 -17.03 -38.04
C GLU B 95 4.64 -17.56 -39.05
N LYS B 96 3.67 -18.32 -38.54
CA LYS B 96 2.58 -18.88 -39.34
C LYS B 96 1.32 -18.09 -38.94
N ARG B 97 0.57 -17.63 -39.94
CA ARG B 97 -0.64 -16.84 -39.69
C ARG B 97 -1.56 -17.34 -38.59
N GLN B 98 -1.82 -18.65 -38.59
CA GLN B 98 -2.73 -19.22 -37.61
C GLN B 98 -2.08 -19.92 -36.41
N GLU B 99 -0.79 -19.69 -36.23
CA GLU B 99 -0.08 -20.30 -35.11
C GLU B 99 -0.61 -19.77 -33.79
N VAL B 100 -0.41 -20.53 -32.73
CA VAL B 100 -0.84 -20.10 -31.41
C VAL B 100 0.18 -19.08 -30.91
N THR B 101 1.47 -19.30 -31.18
CA THR B 101 2.53 -18.40 -30.72
C THR B 101 3.98 -18.86 -31.00
N THR B 102 4.57 -18.43 -32.10
CA THR B 102 5.96 -18.80 -32.42
C THR B 102 6.31 -20.24 -32.03
N GLU B 103 6.46 -21.10 -33.04
CA GLU B 103 6.75 -22.52 -32.83
C GLU B 103 8.14 -22.82 -32.25
N GLY B 104 9.18 -22.31 -32.90
CA GLY B 104 10.53 -22.57 -32.43
C GLY B 104 11.48 -21.50 -32.89
N GLY B 105 12.68 -21.89 -33.30
CA GLY B 105 13.64 -20.91 -33.77
C GLY B 105 13.63 -20.72 -35.27
N LEU B 106 14.16 -19.59 -35.71
CA LEU B 106 14.25 -19.29 -37.13
C LEU B 106 15.19 -20.29 -37.79
N ASP B 107 14.96 -20.55 -39.08
CA ASP B 107 15.88 -21.45 -39.78
C ASP B 107 16.86 -20.54 -40.47
N VAL B 108 18.04 -20.36 -39.86
CA VAL B 108 19.06 -19.49 -40.44
C VAL B 108 20.01 -20.32 -41.30
N ALA B 109 20.38 -21.49 -40.79
CA ALA B 109 21.30 -22.37 -41.51
C ALA B 109 20.74 -22.81 -42.86
N GLY B 110 19.42 -22.77 -42.99
CA GLY B 110 18.80 -23.18 -44.23
C GLY B 110 18.40 -22.05 -45.17
N GLN B 111 18.61 -20.81 -44.73
CA GLN B 111 18.25 -19.67 -45.55
C GLN B 111 19.28 -18.59 -45.36
N ARG B 112 20.55 -18.99 -45.35
CA ARG B 112 21.64 -18.07 -45.13
C ARG B 112 21.58 -16.79 -45.98
N ASP B 113 21.09 -16.89 -47.20
CA ASP B 113 21.01 -15.72 -48.07
C ASP B 113 19.93 -14.74 -47.64
N LYS B 114 18.72 -15.24 -47.44
CA LYS B 114 17.61 -14.39 -47.01
C LYS B 114 18.00 -13.63 -45.75
N MET B 115 18.45 -14.36 -44.73
CA MET B 115 18.84 -13.75 -43.47
C MET B 115 20.01 -12.77 -43.62
N ARG B 116 20.97 -13.13 -44.46
CA ARG B 116 22.13 -12.27 -44.68
C ARG B 116 21.67 -10.89 -45.12
N ASP B 117 20.70 -10.85 -46.03
CA ASP B 117 20.17 -9.60 -46.54
C ASP B 117 19.33 -8.86 -45.51
N ALA B 118 18.44 -9.58 -44.84
CA ALA B 118 17.61 -8.96 -43.82
C ALA B 118 18.55 -8.23 -42.86
N CYS B 119 19.52 -8.96 -42.31
CA CYS B 119 20.45 -8.34 -41.39
C CYS B 119 21.06 -7.07 -41.95
N LYS B 120 21.78 -7.18 -43.07
CA LYS B 120 22.43 -6.00 -43.64
C LYS B 120 21.46 -4.85 -43.84
N ARG B 121 20.30 -5.18 -44.38
CA ARG B 121 19.28 -4.17 -44.63
C ARG B 121 18.91 -3.39 -43.35
N LEU B 122 18.55 -4.12 -42.31
CA LEU B 122 18.18 -3.51 -41.04
C LEU B 122 19.36 -2.76 -40.45
N ALA B 123 20.54 -3.37 -40.52
CA ALA B 123 21.73 -2.75 -39.99
C ALA B 123 21.99 -1.40 -40.67
N ASP B 124 21.71 -1.33 -41.96
CA ASP B 124 21.92 -0.07 -42.68
C ASP B 124 20.98 1.00 -42.15
N ALA B 125 19.83 0.56 -41.64
CA ALA B 125 18.83 1.49 -41.10
C ALA B 125 19.12 1.82 -39.64
N GLY B 126 20.23 1.30 -39.13
CA GLY B 126 20.62 1.57 -37.75
C GLY B 126 19.99 0.67 -36.70
N ILE B 127 19.48 -0.48 -37.11
CA ILE B 127 18.85 -1.41 -36.18
C ILE B 127 19.74 -2.58 -35.78
N GLN B 128 19.80 -2.88 -34.48
CA GLN B 128 20.59 -3.99 -33.98
C GLN B 128 19.70 -5.21 -34.09
N VAL B 129 20.13 -6.16 -34.91
CA VAL B 129 19.36 -7.35 -35.20
C VAL B 129 19.62 -8.57 -34.33
N SER B 130 18.53 -9.18 -33.90
CA SER B 130 18.59 -10.39 -33.10
C SER B 130 17.88 -11.52 -33.84
N LEU B 131 18.55 -12.65 -33.99
CA LEU B 131 17.92 -13.77 -34.66
C LEU B 131 17.42 -14.73 -33.59
N PHE B 132 16.10 -14.88 -33.51
CA PHE B 132 15.49 -15.77 -32.54
C PHE B 132 15.75 -17.19 -33.03
N ILE B 133 16.63 -17.92 -32.35
CA ILE B 133 16.96 -19.27 -32.79
C ILE B 133 16.94 -20.33 -31.69
N ASP B 134 16.99 -21.59 -32.09
CA ASP B 134 17.02 -22.71 -31.16
C ASP B 134 18.43 -22.86 -30.61
N ALA B 135 18.56 -23.49 -29.45
CA ALA B 135 19.86 -23.69 -28.82
C ALA B 135 20.56 -24.82 -29.58
N ASP B 136 20.84 -24.55 -30.85
CA ASP B 136 21.46 -25.50 -31.77
C ASP B 136 22.72 -24.87 -32.36
N GLU B 137 23.87 -25.54 -32.19
CA GLU B 137 25.13 -25.00 -32.68
C GLU B 137 25.13 -24.66 -34.18
N GLU B 138 24.43 -25.47 -34.97
CA GLU B 138 24.37 -25.22 -36.42
C GLU B 138 23.74 -23.85 -36.69
N GLN B 139 22.67 -23.54 -35.95
CA GLN B 139 22.00 -22.26 -36.11
C GLN B 139 22.88 -21.09 -35.61
N ILE B 140 23.51 -21.29 -34.46
CA ILE B 140 24.38 -20.26 -33.89
C ILE B 140 25.52 -19.92 -34.83
N LYS B 141 26.20 -20.95 -35.33
CA LYS B 141 27.28 -20.76 -36.29
C LYS B 141 26.76 -19.98 -37.47
N ALA B 142 25.57 -20.39 -37.96
CA ALA B 142 24.91 -19.72 -39.08
C ALA B 142 24.70 -18.24 -38.76
N ALA B 143 24.06 -17.98 -37.63
CA ALA B 143 23.78 -16.60 -37.20
C ALA B 143 25.05 -15.77 -37.17
N ALA B 144 26.12 -16.36 -36.64
CA ALA B 144 27.38 -15.63 -36.55
C ALA B 144 27.92 -15.33 -37.95
N GLU B 145 27.84 -16.33 -38.82
CA GLU B 145 28.31 -16.23 -40.21
C GLU B 145 27.54 -15.13 -40.93
N VAL B 146 26.22 -15.14 -40.78
CA VAL B 146 25.36 -14.15 -41.43
C VAL B 146 25.60 -12.70 -41.00
N GLY B 147 26.16 -12.50 -39.81
CA GLY B 147 26.45 -11.15 -39.37
C GLY B 147 25.52 -10.46 -38.39
N ALA B 148 24.66 -11.22 -37.72
CA ALA B 148 23.76 -10.61 -36.74
C ALA B 148 24.51 -10.27 -35.47
N PRO B 149 24.16 -9.14 -34.83
CA PRO B 149 24.84 -8.75 -33.58
C PRO B 149 24.41 -9.68 -32.43
N PHE B 150 23.12 -9.98 -32.40
CA PHE B 150 22.51 -10.82 -31.36
C PHE B 150 21.74 -12.01 -31.90
N ILE B 151 21.40 -12.89 -30.96
CA ILE B 151 20.57 -14.07 -31.20
C ILE B 151 19.76 -14.09 -29.91
N GLU B 152 18.61 -14.75 -29.94
CA GLU B 152 17.80 -14.87 -28.74
C GLU B 152 17.51 -16.34 -28.68
N ILE B 153 17.99 -17.00 -27.64
CA ILE B 153 17.76 -18.42 -27.52
C ILE B 153 16.34 -18.72 -27.11
N HIS B 154 15.73 -19.66 -27.79
CA HIS B 154 14.36 -20.06 -27.51
C HIS B 154 14.30 -20.88 -26.24
N THR B 155 13.57 -20.40 -25.24
CA THR B 155 13.45 -21.11 -23.97
C THR B 155 12.16 -21.92 -23.88
N GLY B 156 11.45 -22.03 -25.01
CA GLY B 156 10.20 -22.76 -25.03
C GLY B 156 10.27 -24.22 -24.61
N CYS B 157 11.22 -24.98 -25.17
CA CYS B 157 11.34 -26.38 -24.82
C CYS B 157 11.68 -26.53 -23.34
N TYR B 158 12.48 -25.61 -22.83
CA TYR B 158 12.86 -25.63 -21.42
C TYR B 158 11.63 -25.41 -20.55
N ALA B 159 10.81 -24.42 -20.93
CA ALA B 159 9.61 -24.10 -20.18
C ALA B 159 8.57 -25.21 -20.28
N ASP B 160 8.63 -25.98 -21.36
CA ASP B 160 7.67 -27.04 -21.56
C ASP B 160 8.05 -28.42 -21.05
N ALA B 161 9.29 -28.58 -20.59
CA ALA B 161 9.72 -29.88 -20.08
C ALA B 161 8.65 -30.48 -19.18
N LYS B 162 8.37 -31.77 -19.33
CA LYS B 162 7.36 -32.41 -18.52
C LYS B 162 7.91 -33.14 -17.31
N THR B 163 9.22 -33.15 -17.16
CA THR B 163 9.87 -33.78 -16.01
C THR B 163 11.08 -32.96 -15.57
N ASP B 164 11.45 -33.07 -14.30
CA ASP B 164 12.58 -32.34 -13.78
C ASP B 164 13.86 -32.66 -14.55
N ALA B 165 13.93 -33.89 -15.06
CA ALA B 165 15.09 -34.37 -15.80
C ALA B 165 15.10 -33.76 -17.19
N GLU B 166 13.93 -33.69 -17.79
CA GLU B 166 13.80 -33.12 -19.13
C GLU B 166 14.13 -31.63 -19.06
N GLN B 167 13.69 -30.97 -17.99
CA GLN B 167 13.94 -29.55 -17.82
C GLN B 167 15.44 -29.29 -17.68
N ALA B 168 16.08 -30.09 -16.82
CA ALA B 168 17.52 -29.98 -16.60
C ALA B 168 18.26 -30.22 -17.90
N GLN B 169 17.75 -31.16 -18.71
CA GLN B 169 18.33 -31.49 -20.01
C GLN B 169 18.41 -30.21 -20.83
N GLU B 170 17.25 -29.59 -21.02
CA GLU B 170 17.13 -28.34 -21.78
C GLU B 170 17.97 -27.21 -21.19
N LEU B 171 18.04 -27.15 -19.86
CA LEU B 171 18.78 -26.09 -19.21
C LEU B 171 20.22 -26.10 -19.69
N ALA B 172 20.91 -27.24 -19.50
CA ALA B 172 22.30 -27.39 -19.90
C ALA B 172 22.48 -27.12 -21.39
N ARG B 173 21.48 -27.48 -22.17
CA ARG B 173 21.54 -27.26 -23.61
C ARG B 173 21.56 -25.75 -23.91
N ILE B 174 20.77 -24.99 -23.16
CA ILE B 174 20.73 -23.55 -23.35
C ILE B 174 22.02 -22.94 -22.82
N ALA B 175 22.47 -23.42 -21.66
CA ALA B 175 23.70 -22.91 -21.08
C ALA B 175 24.91 -23.12 -21.99
N LYS B 176 25.01 -24.29 -22.62
CA LYS B 176 26.14 -24.55 -23.51
C LYS B 176 26.03 -23.70 -24.76
N ALA B 177 24.84 -23.67 -25.34
CA ALA B 177 24.58 -22.88 -26.54
C ALA B 177 24.92 -21.41 -26.30
N ALA B 178 24.66 -20.92 -25.09
CA ALA B 178 24.94 -19.54 -24.77
C ALA B 178 26.44 -19.28 -24.71
N THR B 179 27.18 -20.15 -24.06
CA THR B 179 28.64 -20.01 -23.96
C THR B 179 29.21 -20.05 -25.38
N PHE B 180 28.68 -20.98 -26.18
CA PHE B 180 29.09 -21.16 -27.57
C PHE B 180 28.84 -19.90 -28.37
N ALA B 181 27.62 -19.38 -28.28
CA ALA B 181 27.26 -18.18 -29.00
C ALA B 181 28.24 -17.08 -28.64
N ALA B 182 28.46 -16.87 -27.35
CA ALA B 182 29.37 -15.82 -26.88
C ALA B 182 30.77 -16.01 -27.45
N SER B 183 31.25 -17.26 -27.48
CA SER B 183 32.58 -17.53 -28.00
C SER B 183 32.75 -17.11 -29.48
N LEU B 184 31.63 -16.95 -30.19
CA LEU B 184 31.67 -16.52 -31.59
C LEU B 184 31.45 -15.01 -31.66
N GLY B 185 31.51 -14.35 -30.50
CA GLY B 185 31.34 -12.91 -30.45
C GLY B 185 29.91 -12.41 -30.60
N LEU B 186 28.95 -13.29 -30.33
CA LEU B 186 27.55 -12.91 -30.42
C LEU B 186 27.05 -12.53 -29.01
N LYS B 187 26.18 -11.53 -28.94
CA LYS B 187 25.59 -11.15 -27.66
C LYS B 187 24.38 -12.08 -27.62
N VAL B 188 23.97 -12.56 -26.44
CA VAL B 188 22.84 -13.49 -26.43
C VAL B 188 21.74 -13.27 -25.42
N ASN B 189 20.51 -13.28 -25.94
CA ASN B 189 19.31 -13.11 -25.15
C ASN B 189 18.59 -14.46 -25.12
N ALA B 190 17.44 -14.51 -24.46
CA ALA B 190 16.65 -15.72 -24.34
C ALA B 190 15.22 -15.32 -23.99
N GLY B 191 14.27 -16.17 -24.34
CA GLY B 191 12.89 -15.85 -24.03
C GLY B 191 11.90 -16.81 -24.63
N HIS B 192 10.65 -16.63 -24.19
CA HIS B 192 9.52 -17.43 -24.63
C HIS B 192 9.28 -18.56 -23.64
N GLY B 193 8.19 -18.43 -22.89
CA GLY B 193 7.83 -19.44 -21.91
C GLY B 193 8.44 -19.24 -20.53
N LEU B 194 9.21 -18.18 -20.32
CA LEU B 194 9.80 -17.94 -19.00
C LEU B 194 8.72 -17.47 -18.04
N THR B 195 8.72 -18.04 -16.83
CA THR B 195 7.72 -17.67 -15.85
C THR B 195 8.39 -17.28 -14.54
N TYR B 196 7.59 -16.90 -13.57
CA TYR B 196 8.13 -16.53 -12.28
C TYR B 196 8.82 -17.73 -11.61
N HIS B 197 8.43 -18.95 -12.02
CA HIS B 197 9.01 -20.13 -11.41
C HIS B 197 10.15 -20.80 -12.16
N ASN B 198 10.45 -20.35 -13.38
CA ASN B 198 11.54 -20.99 -14.11
C ASN B 198 12.56 -20.02 -14.65
N VAL B 199 12.39 -18.73 -14.33
CA VAL B 199 13.30 -17.73 -14.85
C VAL B 199 14.68 -17.70 -14.23
N LYS B 200 14.79 -17.92 -12.92
CA LYS B 200 16.09 -17.85 -12.22
C LYS B 200 17.19 -18.73 -12.78
N ALA B 201 16.85 -19.95 -13.17
CA ALA B 201 17.82 -20.88 -13.74
C ALA B 201 18.36 -20.31 -15.05
N ILE B 202 17.48 -19.68 -15.82
CA ILE B 202 17.88 -19.08 -17.10
C ILE B 202 18.62 -17.77 -16.84
N ALA B 203 18.13 -17.00 -15.87
CA ALA B 203 18.74 -15.72 -15.51
C ALA B 203 20.16 -15.91 -14.98
N ALA B 204 20.41 -17.02 -14.32
CA ALA B 204 21.73 -17.31 -13.76
C ALA B 204 22.81 -17.58 -14.82
N ILE B 205 22.40 -17.93 -16.04
CA ILE B 205 23.36 -18.18 -17.12
C ILE B 205 24.12 -16.88 -17.35
N PRO B 206 25.44 -16.89 -17.12
CA PRO B 206 26.27 -15.71 -17.30
C PRO B 206 26.09 -14.95 -18.61
N GLU B 207 26.32 -15.65 -19.72
CA GLU B 207 26.23 -15.02 -21.04
C GLU B 207 24.95 -14.26 -21.41
N MET B 208 23.85 -14.47 -20.68
CA MET B 208 22.61 -13.78 -21.04
C MET B 208 22.69 -12.28 -20.91
N HIS B 209 22.28 -11.60 -21.98
CA HIS B 209 22.32 -10.15 -22.03
C HIS B 209 20.97 -9.54 -21.62
N GLU B 210 19.90 -10.05 -22.21
CA GLU B 210 18.56 -9.58 -21.90
C GLU B 210 17.58 -10.73 -22.02
N LEU B 211 16.59 -10.77 -21.13
CA LEU B 211 15.59 -11.81 -21.21
C LEU B 211 14.32 -11.10 -21.65
N ASN B 212 13.62 -11.71 -22.60
CA ASN B 212 12.39 -11.13 -23.11
C ASN B 212 11.24 -12.01 -22.61
N ILE B 213 10.35 -11.40 -21.83
CA ILE B 213 9.24 -12.08 -21.19
C ILE B 213 7.93 -11.32 -21.36
N GLY B 214 6.86 -12.03 -21.69
CA GLY B 214 5.59 -11.33 -21.88
C GLY B 214 4.39 -11.98 -21.23
N HIS B 215 3.89 -13.04 -21.87
CA HIS B 215 2.70 -13.72 -21.38
C HIS B 215 2.62 -14.02 -19.88
N ALA B 216 3.67 -14.57 -19.29
CA ALA B 216 3.62 -14.87 -17.86
C ALA B 216 3.45 -13.58 -17.05
N ILE B 217 4.05 -12.49 -17.52
CA ILE B 217 3.95 -11.22 -16.83
C ILE B 217 2.55 -10.62 -16.91
N ILE B 218 1.94 -10.65 -18.09
CA ILE B 218 0.59 -10.12 -18.24
C ILE B 218 -0.37 -11.00 -17.43
N GLY B 219 -0.07 -12.31 -17.40
CA GLY B 219 -0.88 -13.26 -16.66
C GLY B 219 -0.85 -13.01 -15.16
N ARG B 220 0.28 -12.50 -14.66
CA ARG B 220 0.39 -12.20 -13.24
C ARG B 220 -0.29 -10.85 -13.03
N ALA B 221 -0.12 -9.98 -14.03
CA ALA B 221 -0.69 -8.64 -14.00
C ALA B 221 -2.20 -8.53 -13.82
N VAL B 222 -3.00 -9.39 -14.46
CA VAL B 222 -4.45 -9.28 -14.25
C VAL B 222 -4.80 -9.56 -12.80
N MET B 223 -3.90 -10.22 -12.08
CA MET B 223 -4.17 -10.48 -10.66
C MET B 223 -3.64 -9.34 -9.79
N THR B 224 -2.33 -9.08 -9.90
CA THR B 224 -1.62 -8.08 -9.10
C THR B 224 -1.38 -6.67 -9.65
N GLY B 225 -1.60 -6.47 -10.96
CA GLY B 225 -1.33 -5.17 -11.53
C GLY B 225 0.01 -5.31 -12.25
N LEU B 226 0.20 -4.60 -13.36
CA LEU B 226 1.44 -4.71 -14.14
C LEU B 226 2.70 -4.29 -13.41
N LYS B 227 2.60 -3.24 -12.59
CA LYS B 227 3.78 -2.74 -11.89
C LYS B 227 4.46 -3.79 -11.02
N ASP B 228 3.71 -4.42 -10.11
CA ASP B 228 4.32 -5.42 -9.26
C ASP B 228 4.72 -6.66 -10.07
N ALA B 229 4.02 -6.91 -11.17
CA ALA B 229 4.34 -8.06 -12.02
C ALA B 229 5.73 -7.89 -12.61
N VAL B 230 5.99 -6.72 -13.19
CA VAL B 230 7.29 -6.42 -13.79
C VAL B 230 8.40 -6.38 -12.73
N ALA B 231 8.14 -5.66 -11.65
CA ALA B 231 9.13 -5.56 -10.59
C ALA B 231 9.49 -6.94 -10.02
N GLU B 232 8.49 -7.77 -9.74
CA GLU B 232 8.78 -9.12 -9.21
C GLU B 232 9.72 -9.91 -10.14
N MET B 233 9.40 -9.92 -11.43
CA MET B 233 10.19 -10.62 -12.41
C MET B 233 11.63 -10.11 -12.37
N LYS B 234 11.79 -8.78 -12.43
CA LYS B 234 13.12 -8.20 -12.40
C LYS B 234 13.83 -8.58 -11.11
N ARG B 235 13.13 -8.47 -9.98
CA ARG B 235 13.72 -8.84 -8.71
C ARG B 235 14.25 -10.28 -8.78
N LEU B 236 13.42 -11.20 -9.24
CA LEU B 236 13.82 -12.60 -9.35
C LEU B 236 15.04 -12.74 -10.23
N MET B 237 15.05 -12.03 -11.35
CA MET B 237 16.19 -12.09 -12.27
C MET B 237 17.48 -11.64 -11.58
N LEU B 238 17.45 -10.50 -10.91
CA LEU B 238 18.65 -10.00 -10.24
C LEU B 238 19.13 -10.92 -9.11
N GLU B 239 18.22 -11.61 -8.43
CA GLU B 239 18.66 -12.48 -7.36
C GLU B 239 19.42 -13.67 -7.95
N ALA B 240 18.97 -14.16 -9.10
CA ALA B 240 19.62 -15.30 -9.74
C ALA B 240 21.07 -14.98 -10.10
N ARG B 241 21.34 -13.74 -10.48
CA ARG B 241 22.70 -13.32 -10.82
C ARG B 241 23.49 -13.05 -9.54
N GLY B 242 22.76 -12.76 -8.47
CA GLY B 242 23.40 -12.49 -7.19
C GLY B 242 24.09 -13.71 -6.59
N ALA C 1 26.09 -15.56 12.96
CA ALA C 1 25.05 -15.37 11.92
C ALA C 1 24.89 -13.88 11.57
N GLU C 2 23.64 -13.43 11.43
CA GLU C 2 23.40 -12.04 11.07
C GLU C 2 23.30 -11.07 12.26
N LEU C 3 23.57 -9.79 11.97
CA LEU C 3 23.51 -8.75 12.97
C LEU C 3 22.08 -8.74 13.49
N LEU C 4 21.91 -8.66 14.81
CA LEU C 4 20.58 -8.65 15.40
C LEU C 4 20.14 -7.24 15.74
N LEU C 5 18.83 -7.02 15.79
CA LEU C 5 18.27 -5.70 16.12
C LEU C 5 17.39 -5.81 17.37
N GLY C 6 17.71 -5.01 18.38
CA GLY C 6 16.90 -5.01 19.58
C GLY C 6 16.16 -3.68 19.51
N VAL C 7 14.83 -3.71 19.47
CA VAL C 7 14.10 -2.47 19.39
C VAL C 7 13.63 -1.98 20.76
N ASN C 8 14.12 -0.80 21.15
CA ASN C 8 13.75 -0.20 22.43
C ASN C 8 12.48 0.61 22.25
N ILE C 9 11.42 0.19 22.93
CA ILE C 9 10.15 0.88 22.80
C ILE C 9 9.80 1.86 23.93
N ASP C 10 10.81 2.30 24.68
CA ASP C 10 10.57 3.24 25.77
C ASP C 10 9.70 4.43 25.37
N HIS C 11 10.05 5.05 24.24
CA HIS C 11 9.33 6.25 23.83
C HIS C 11 7.92 6.12 23.31
N ILE C 12 7.43 4.88 23.22
CA ILE C 12 6.05 4.64 22.84
C ILE C 12 5.37 5.09 24.15
N ALA C 13 5.95 4.67 25.27
CA ALA C 13 5.42 4.99 26.60
C ALA C 13 5.56 6.47 27.01
N THR C 14 6.59 7.17 26.53
CA THR C 14 6.71 8.57 26.92
C THR C 14 5.51 9.33 26.35
N LEU C 15 5.05 8.86 25.19
CA LEU C 15 3.90 9.46 24.51
C LEU C 15 2.65 9.15 25.31
N ARG C 16 2.57 7.92 25.80
CA ARG C 16 1.44 7.48 26.61
C ARG C 16 1.40 8.28 27.89
N ASN C 17 2.48 8.19 28.64
CA ASN C 17 2.59 8.84 29.94
C ASN C 17 2.44 10.36 29.90
N ALA C 18 2.65 10.98 28.74
CA ALA C 18 2.55 12.43 28.68
C ALA C 18 1.11 12.84 28.97
N ARG C 19 0.21 11.86 28.90
CA ARG C 19 -1.20 12.13 29.11
C ARG C 19 -1.89 11.28 30.17
N GLY C 20 -1.35 10.09 30.46
CA GLY C 20 -1.98 9.23 31.43
C GLY C 20 -3.05 8.35 30.82
N THR C 21 -3.16 8.39 29.49
CA THR C 21 -4.13 7.59 28.77
C THR C 21 -3.56 6.18 28.76
N ALA C 22 -4.26 5.23 28.14
CA ALA C 22 -3.74 3.85 28.07
C ALA C 22 -2.95 3.65 26.79
N TYR C 23 -3.19 4.51 25.81
CA TYR C 23 -2.53 4.47 24.50
C TYR C 23 -1.49 5.58 24.32
N PRO C 24 -0.48 5.36 23.46
CA PRO C 24 -0.31 4.12 22.70
C PRO C 24 0.23 3.08 23.67
N ASP C 25 -0.17 1.83 23.49
CA ASP C 25 0.29 0.78 24.39
C ASP C 25 1.59 0.11 23.92
N PRO C 26 2.61 0.10 24.79
CA PRO C 26 3.89 -0.53 24.45
C PRO C 26 3.68 -1.97 23.99
N VAL C 27 2.72 -2.65 24.61
CA VAL C 27 2.41 -4.03 24.29
C VAL C 27 2.08 -4.22 22.81
N GLN C 28 1.40 -3.24 22.21
CA GLN C 28 1.06 -3.30 20.80
C GLN C 28 2.29 -3.10 19.95
N ALA C 29 3.06 -2.06 20.30
CA ALA C 29 4.27 -1.74 19.58
C ALA C 29 5.23 -2.92 19.54
N ALA C 30 5.25 -3.71 20.60
CA ALA C 30 6.12 -4.88 20.70
C ALA C 30 5.78 -5.91 19.63
N PHE C 31 4.51 -6.23 19.49
CA PHE C 31 4.10 -7.20 18.47
C PHE C 31 4.49 -6.69 17.08
N ILE C 32 4.26 -5.40 16.82
CA ILE C 32 4.59 -4.83 15.50
C ILE C 32 6.09 -4.93 15.22
N ALA C 33 6.92 -4.56 16.20
CA ALA C 33 8.37 -4.59 16.01
C ALA C 33 8.89 -6.02 15.78
N GLU C 34 8.50 -6.94 16.65
CA GLU C 34 8.94 -8.32 16.54
C GLU C 34 8.61 -8.97 15.20
N GLN C 35 7.59 -8.46 14.53
CA GLN C 35 7.19 -9.01 13.25
C GLN C 35 7.71 -8.18 12.08
N ALA C 36 8.51 -7.17 12.38
CA ALA C 36 9.03 -6.29 11.32
C ALA C 36 10.56 -6.18 11.24
N GLY C 37 11.27 -7.03 11.98
CA GLY C 37 12.71 -7.00 11.95
C GLY C 37 13.37 -6.94 13.33
N ALA C 38 12.56 -6.89 14.39
CA ALA C 38 13.15 -6.87 15.72
C ALA C 38 13.40 -8.31 16.12
N ASP C 39 14.61 -8.57 16.61
CA ASP C 39 14.97 -9.90 17.05
C ASP C 39 14.73 -10.01 18.57
N GLY C 40 14.57 -8.83 19.20
CA GLY C 40 14.32 -8.73 20.63
C GLY C 40 13.71 -7.37 20.95
N ILE C 41 13.06 -7.25 22.09
CA ILE C 41 12.44 -5.99 22.49
C ILE C 41 13.13 -5.48 23.74
N THR C 42 13.50 -4.21 23.72
CA THR C 42 14.20 -3.62 24.84
C THR C 42 13.39 -2.59 25.59
N VAL C 43 13.47 -2.64 26.93
CA VAL C 43 12.78 -1.69 27.80
C VAL C 43 13.70 -1.30 28.94
N HIS C 44 13.70 0.00 29.24
CA HIS C 44 14.50 0.51 30.31
C HIS C 44 13.51 0.89 31.41
N LEU C 45 13.51 0.11 32.49
CA LEU C 45 12.63 0.39 33.63
C LEU C 45 13.35 1.50 34.42
N ARG C 46 12.92 2.74 34.26
CA ARG C 46 13.57 3.85 34.96
C ARG C 46 13.11 3.98 36.41
N GLU C 47 13.98 4.57 37.22
CA GLU C 47 13.68 4.77 38.62
C GLU C 47 12.35 5.47 38.78
N ASP C 48 12.14 6.52 37.99
CA ASP C 48 10.92 7.32 38.04
C ASP C 48 9.76 6.87 37.15
N ARG C 49 9.83 5.67 36.58
CA ARG C 49 8.76 5.15 35.72
C ARG C 49 8.26 6.22 34.75
N ARG C 50 9.19 7.00 34.27
CA ARG C 50 8.99 8.07 33.31
C ARG C 50 8.16 7.57 32.12
N HIS C 51 8.51 6.41 31.57
CA HIS C 51 7.77 5.84 30.46
C HIS C 51 7.34 4.39 30.71
N ILE C 52 8.27 3.44 30.65
CA ILE C 52 7.92 2.05 30.91
C ILE C 52 7.55 1.84 32.38
N THR C 53 6.54 1.02 32.63
CA THR C 53 6.06 0.78 34.00
C THR C 53 6.17 -0.68 34.44
N ASP C 54 5.97 -0.94 35.74
CA ASP C 54 6.02 -2.32 36.24
C ASP C 54 4.97 -3.10 35.46
N ARG C 55 3.83 -2.45 35.23
CA ARG C 55 2.70 -3.01 34.47
C ARG C 55 3.16 -3.46 33.09
N ASP C 56 3.92 -2.60 32.40
CA ASP C 56 4.43 -2.87 31.06
C ASP C 56 5.31 -4.11 31.02
N VAL C 57 6.31 -4.13 31.91
CA VAL C 57 7.23 -5.25 32.03
C VAL C 57 6.48 -6.52 32.36
N ARG C 58 5.48 -6.40 33.23
CA ARG C 58 4.70 -7.58 33.62
C ARG C 58 3.89 -8.15 32.45
N ILE C 59 3.33 -7.29 31.61
CA ILE C 59 2.56 -7.81 30.50
C ILE C 59 3.46 -8.20 29.33
N LEU C 60 4.47 -7.39 29.06
CA LEU C 60 5.42 -7.71 27.98
C LEU C 60 5.99 -9.11 28.18
N ARG C 61 6.44 -9.38 29.40
CA ARG C 61 7.03 -10.66 29.73
C ARG C 61 6.15 -11.85 29.32
N GLN C 62 4.84 -11.63 29.30
CA GLN C 62 3.89 -12.67 28.91
C GLN C 62 3.47 -12.64 27.45
N THR C 63 3.67 -11.50 26.79
CA THR C 63 3.26 -11.35 25.40
C THR C 63 4.38 -11.40 24.37
N LEU C 64 5.57 -10.96 24.73
CA LEU C 64 6.69 -10.98 23.79
C LEU C 64 6.84 -12.36 23.20
N ASP C 65 6.99 -12.41 21.89
CA ASP C 65 7.16 -13.66 21.16
C ASP C 65 8.66 -13.97 21.04
N THR C 66 9.50 -12.95 21.18
CA THR C 66 10.95 -13.15 21.08
C THR C 66 11.58 -13.23 22.48
N ARG C 67 12.12 -12.10 22.98
CA ARG C 67 12.79 -12.07 24.28
C ARG C 67 12.86 -10.64 24.79
N MET C 68 12.86 -10.47 26.11
CA MET C 68 12.94 -9.13 26.69
C MET C 68 14.38 -8.79 27.05
N ASN C 69 14.78 -7.54 26.80
CA ASN C 69 16.10 -7.09 27.19
C ASN C 69 15.84 -5.96 28.16
N LEU C 70 15.94 -6.24 29.45
CA LEU C 70 15.65 -5.22 30.45
C LEU C 70 16.83 -4.32 30.77
N GLU C 71 16.70 -3.02 30.50
CA GLU C 71 17.74 -2.06 30.80
C GLU C 71 17.39 -1.48 32.16
N MET C 72 18.38 -1.31 33.02
CA MET C 72 18.11 -0.80 34.36
C MET C 72 19.38 -0.40 35.11
N ALA C 73 19.20 0.37 36.19
CA ALA C 73 20.31 0.81 37.02
C ALA C 73 20.66 -0.34 37.93
N VAL C 74 21.86 -0.30 38.50
CA VAL C 74 22.29 -1.33 39.42
C VAL C 74 21.91 -0.87 40.85
N THR C 75 20.69 -1.18 41.24
CA THR C 75 20.18 -0.82 42.56
C THR C 75 19.43 -2.03 43.10
N GLU C 76 19.24 -2.09 44.41
CA GLU C 76 18.54 -3.22 45.00
C GLU C 76 17.16 -3.38 44.37
N GLU C 77 16.48 -2.25 44.17
CA GLU C 77 15.14 -2.25 43.59
C GLU C 77 15.12 -2.97 42.25
N MET C 78 16.01 -2.55 41.35
CA MET C 78 16.08 -3.11 40.00
C MET C 78 16.60 -4.55 39.95
N LEU C 79 17.61 -4.85 40.75
CA LEU C 79 18.15 -6.20 40.78
C LEU C 79 17.06 -7.18 41.23
N ALA C 80 16.29 -6.78 42.24
CA ALA C 80 15.22 -7.62 42.78
C ALA C 80 14.17 -7.86 41.71
N ILE C 81 13.79 -6.79 41.00
CA ILE C 81 12.80 -6.88 39.92
C ILE C 81 13.36 -7.79 38.82
N ALA C 82 14.62 -7.57 38.45
CA ALA C 82 15.29 -8.36 37.43
C ALA C 82 15.30 -9.84 37.80
N VAL C 83 15.77 -10.15 39.01
CA VAL C 83 15.82 -11.53 39.49
C VAL C 83 14.46 -12.19 39.39
N GLU C 84 13.42 -11.46 39.79
CA GLU C 84 12.07 -11.99 39.77
C GLU C 84 11.45 -12.07 38.37
N THR C 85 11.71 -11.06 37.54
CA THR C 85 11.15 -11.02 36.19
C THR C 85 11.78 -12.05 35.24
N LYS C 86 13.00 -12.45 35.54
CA LYS C 86 13.71 -13.42 34.72
C LYS C 86 13.79 -13.09 33.22
N PRO C 87 14.11 -11.85 32.86
CA PRO C 87 14.20 -11.54 31.42
C PRO C 87 15.36 -12.31 30.79
N HIS C 88 15.33 -12.50 29.48
CA HIS C 88 16.41 -13.23 28.80
C HIS C 88 17.73 -12.45 28.91
N PHE C 89 17.63 -11.13 28.72
CA PHE C 89 18.77 -10.26 28.81
C PHE C 89 18.51 -9.13 29.79
N CYS C 90 19.59 -8.65 30.42
CA CYS C 90 19.53 -7.53 31.34
C CYS C 90 20.74 -6.67 30.96
N CYS C 91 20.52 -5.37 30.78
CA CYS C 91 21.60 -4.46 30.43
C CYS C 91 21.76 -3.42 31.55
N LEU C 92 22.93 -3.40 32.17
CA LEU C 92 23.20 -2.49 33.29
C LEU C 92 23.76 -1.16 32.85
N VAL C 93 22.99 -0.10 33.09
CA VAL C 93 23.37 1.25 32.71
C VAL C 93 23.50 2.20 33.90
N PRO C 94 24.14 3.34 33.69
CA PRO C 94 24.28 4.30 34.79
C PRO C 94 23.02 5.17 34.69
N GLU C 95 22.47 5.59 35.82
CA GLU C 95 21.25 6.41 35.76
C GLU C 95 21.07 7.42 36.88
N LYS C 96 20.66 8.63 36.51
CA LYS C 96 20.38 9.70 37.46
C LYS C 96 18.85 9.88 37.38
N ARG C 97 18.21 10.11 38.52
CA ARG C 97 16.75 10.23 38.51
C ARG C 97 16.15 11.21 37.50
N GLN C 98 16.78 12.36 37.30
CA GLN C 98 16.24 13.35 36.38
C GLN C 98 17.05 13.70 35.14
N GLU C 99 17.77 12.73 34.60
CA GLU C 99 18.56 12.95 33.40
C GLU C 99 17.60 12.90 32.20
N VAL C 100 17.99 13.57 31.11
CA VAL C 100 17.22 13.58 29.88
C VAL C 100 17.18 12.12 29.37
N THR C 101 18.36 11.50 29.34
CA THR C 101 18.52 10.12 28.89
C THR C 101 19.86 9.62 29.46
N THR C 102 20.23 8.38 29.20
CA THR C 102 21.49 7.83 29.69
C THR C 102 22.62 8.71 29.15
N GLU C 103 23.55 9.08 30.03
CA GLU C 103 24.67 9.95 29.66
C GLU C 103 25.91 9.26 29.11
N GLY C 104 26.47 8.33 29.87
CA GLY C 104 27.67 7.65 29.41
C GLY C 104 27.68 6.19 29.76
N GLY C 105 28.86 5.59 29.85
CA GLY C 105 28.95 4.18 30.18
C GLY C 105 28.90 3.96 31.67
N LEU C 106 28.71 2.72 32.08
CA LEU C 106 28.68 2.40 33.49
C LEU C 106 30.13 2.49 33.93
N ASP C 107 30.36 2.92 35.17
CA ASP C 107 31.71 2.97 35.67
C ASP C 107 31.95 1.58 36.26
N VAL C 108 32.52 0.69 35.45
CA VAL C 108 32.78 -0.68 35.91
C VAL C 108 34.14 -0.81 36.59
N ALA C 109 35.17 -0.28 35.94
CA ALA C 109 36.54 -0.34 36.46
C ALA C 109 36.62 0.20 37.88
N GLY C 110 35.89 1.27 38.14
CA GLY C 110 35.90 1.88 39.46
C GLY C 110 34.83 1.43 40.43
N GLN C 111 34.15 0.31 40.13
CA GLN C 111 33.13 -0.23 41.02
C GLN C 111 33.10 -1.74 40.86
N ARG C 112 34.26 -2.33 40.67
CA ARG C 112 34.37 -3.77 40.45
C ARG C 112 33.54 -4.68 41.35
N ASP C 113 33.60 -4.47 42.66
CA ASP C 113 32.82 -5.33 43.55
C ASP C 113 31.33 -5.18 43.33
N LYS C 114 30.85 -3.95 43.20
CA LYS C 114 29.42 -3.74 42.98
C LYS C 114 28.95 -4.51 41.75
N MET C 115 29.66 -4.33 40.65
CA MET C 115 29.31 -4.99 39.40
C MET C 115 29.52 -6.51 39.45
N ARG C 116 30.61 -6.94 40.08
CA ARG C 116 30.91 -8.38 40.18
C ARG C 116 29.77 -9.16 40.84
N ASP C 117 29.20 -8.58 41.90
CA ASP C 117 28.09 -9.21 42.61
C ASP C 117 26.77 -9.06 41.86
N ALA C 118 26.65 -7.96 41.12
CA ALA C 118 25.43 -7.72 40.35
C ALA C 118 25.36 -8.77 39.24
N CYS C 119 26.43 -8.92 38.45
CA CYS C 119 26.43 -9.90 37.37
C CYS C 119 26.19 -11.30 37.88
N LYS C 120 26.83 -11.62 39.00
CA LYS C 120 26.72 -12.93 39.62
C LYS C 120 25.29 -13.22 40.07
N ARG C 121 24.68 -12.25 40.76
CA ARG C 121 23.32 -12.40 41.24
C ARG C 121 22.32 -12.60 40.09
N LEU C 122 22.43 -11.78 39.06
CA LEU C 122 21.55 -11.89 37.89
C LEU C 122 21.77 -13.19 37.14
N ALA C 123 23.02 -13.65 37.14
CA ALA C 123 23.36 -14.89 36.45
C ALA C 123 22.81 -16.08 37.23
N ASP C 124 22.79 -15.98 38.55
CA ASP C 124 22.24 -17.06 39.36
C ASP C 124 20.77 -17.21 39.02
N ALA C 125 20.15 -16.10 38.61
CA ALA C 125 18.74 -16.07 38.23
C ALA C 125 18.56 -16.48 36.78
N GLY C 126 19.66 -16.84 36.12
CA GLY C 126 19.59 -17.27 34.73
C GLY C 126 19.49 -16.17 33.70
N ILE C 127 19.84 -14.94 34.08
CA ILE C 127 19.77 -13.80 33.16
C ILE C 127 21.13 -13.54 32.50
N GLN C 128 21.15 -13.27 31.20
CA GLN C 128 22.42 -12.99 30.52
C GLN C 128 22.67 -11.50 30.63
N VAL C 129 23.76 -11.14 31.32
CA VAL C 129 24.11 -9.74 31.56
C VAL C 129 24.96 -9.02 30.53
N SER C 130 24.61 -7.76 30.30
CA SER C 130 25.33 -6.90 29.38
C SER C 130 25.60 -5.61 30.12
N LEU C 131 26.86 -5.17 30.11
CA LEU C 131 27.20 -3.94 30.79
C LEU C 131 27.36 -2.88 29.73
N PHE C 132 26.58 -1.81 29.85
CA PHE C 132 26.63 -0.69 28.92
C PHE C 132 27.84 0.14 29.30
N ILE C 133 28.82 0.27 28.40
CA ILE C 133 30.02 1.06 28.71
C ILE C 133 30.54 1.90 27.55
N ASP C 134 31.54 2.74 27.82
CA ASP C 134 32.15 3.57 26.80
C ASP C 134 33.14 2.71 26.00
N ALA C 135 33.48 3.14 24.79
CA ALA C 135 34.46 2.40 23.99
C ALA C 135 35.77 2.73 24.72
N ASP C 136 35.93 2.07 25.87
CA ASP C 136 37.04 2.30 26.78
C ASP C 136 37.70 0.98 27.22
N GLU C 137 38.94 0.78 26.80
CA GLU C 137 39.66 -0.46 27.11
C GLU C 137 39.68 -0.83 28.58
N GLU C 138 39.79 0.16 29.46
CA GLU C 138 39.82 -0.08 30.90
C GLU C 138 38.47 -0.57 31.37
N GLN C 139 37.40 0.06 30.87
CA GLN C 139 36.07 -0.34 31.27
C GLN C 139 35.76 -1.71 30.66
N ILE C 140 36.31 -1.96 29.49
CA ILE C 140 36.10 -3.22 28.79
C ILE C 140 36.81 -4.38 29.48
N LYS C 141 38.05 -4.17 29.89
CA LYS C 141 38.82 -5.20 30.56
C LYS C 141 38.11 -5.55 31.87
N ALA C 142 37.66 -4.51 32.56
CA ALA C 142 36.97 -4.67 33.83
C ALA C 142 35.67 -5.44 33.66
N ALA C 143 34.90 -5.10 32.64
CA ALA C 143 33.65 -5.77 32.39
C ALA C 143 33.90 -7.27 32.33
N ALA C 144 34.92 -7.66 31.57
CA ALA C 144 35.26 -9.07 31.42
C ALA C 144 35.63 -9.69 32.76
N GLU C 145 36.45 -8.98 33.52
CA GLU C 145 36.90 -9.49 34.82
C GLU C 145 35.78 -9.69 35.82
N VAL C 146 34.77 -8.81 35.82
CA VAL C 146 33.66 -9.01 36.76
C VAL C 146 32.70 -10.11 36.26
N GLY C 147 33.08 -10.77 35.17
CA GLY C 147 32.29 -11.87 34.63
C GLY C 147 31.09 -11.67 33.69
N ALA C 148 30.87 -10.46 33.20
CA ALA C 148 29.75 -10.25 32.31
C ALA C 148 30.01 -10.90 30.94
N PRO C 149 28.99 -11.57 30.38
CA PRO C 149 29.18 -12.20 29.07
C PRO C 149 29.01 -11.18 27.95
N PHE C 150 28.32 -10.08 28.24
CA PHE C 150 28.10 -9.05 27.22
C PHE C 150 28.46 -7.63 27.62
N ILE C 151 28.86 -6.84 26.63
CA ILE C 151 29.06 -5.42 26.86
C ILE C 151 28.33 -4.74 25.72
N GLU C 152 27.82 -3.54 25.96
CA GLU C 152 27.16 -2.79 24.90
C GLU C 152 27.88 -1.46 24.85
N ILE C 153 28.56 -1.20 23.74
CA ILE C 153 29.32 0.03 23.60
C ILE C 153 28.46 1.24 23.33
N HIS C 154 28.64 2.26 24.15
CA HIS C 154 27.90 3.51 24.01
C HIS C 154 28.24 4.16 22.65
N THR C 155 27.25 4.33 21.79
CA THR C 155 27.48 4.93 20.48
C THR C 155 27.07 6.39 20.51
N GLY C 156 26.76 6.86 21.70
CA GLY C 156 26.34 8.24 21.89
C GLY C 156 27.28 9.30 21.35
N CYS C 157 28.57 9.20 21.65
CA CYS C 157 29.55 10.19 21.21
C CYS C 157 29.73 10.16 19.70
N TYR C 158 29.62 8.97 19.12
CA TYR C 158 29.73 8.85 17.68
C TYR C 158 28.56 9.60 17.08
N ALA C 159 27.38 9.40 17.66
CA ALA C 159 26.16 10.05 17.19
C ALA C 159 26.21 11.59 17.31
N ASP C 160 26.77 12.10 18.40
CA ASP C 160 26.86 13.55 18.63
C ASP C 160 28.01 14.25 17.90
N ALA C 161 28.91 13.49 17.27
CA ALA C 161 30.05 14.09 16.57
C ALA C 161 29.63 15.37 15.88
N LYS C 162 30.31 16.47 16.16
CA LYS C 162 29.97 17.75 15.57
C LYS C 162 30.58 17.97 14.18
N THR C 163 31.59 17.17 13.83
CA THR C 163 32.24 17.29 12.51
C THR C 163 32.56 15.91 11.96
N ASP C 164 32.63 15.79 10.63
CA ASP C 164 32.92 14.51 10.00
C ASP C 164 34.19 13.90 10.57
N ALA C 165 35.15 14.76 10.90
CA ALA C 165 36.42 14.31 11.45
C ALA C 165 36.21 13.70 12.82
N GLU C 166 35.47 14.40 13.66
CA GLU C 166 35.17 13.91 15.01
C GLU C 166 34.47 12.55 14.90
N GLN C 167 33.52 12.47 13.98
CA GLN C 167 32.75 11.25 13.75
C GLN C 167 33.61 10.04 13.37
N ALA C 168 34.53 10.24 12.43
CA ALA C 168 35.41 9.16 11.97
C ALA C 168 36.30 8.69 13.11
N GLN C 169 36.67 9.63 13.98
CA GLN C 169 37.51 9.28 15.11
C GLN C 169 36.72 8.38 16.07
N GLU C 170 35.52 8.80 16.43
CA GLU C 170 34.68 8.01 17.32
C GLU C 170 34.44 6.63 16.72
N LEU C 171 34.20 6.58 15.41
CA LEU C 171 33.95 5.32 14.71
C LEU C 171 35.12 4.40 14.97
N ALA C 172 36.31 4.86 14.62
CA ALA C 172 37.53 4.09 14.80
C ALA C 172 37.69 3.62 16.24
N ARG C 173 37.36 4.48 17.19
CA ARG C 173 37.46 4.17 18.61
C ARG C 173 36.55 2.99 18.98
N ILE C 174 35.33 3.02 18.45
CA ILE C 174 34.37 1.95 18.71
C ILE C 174 34.77 0.65 18.05
N ALA C 175 35.26 0.72 16.81
CA ALA C 175 35.67 -0.51 16.12
C ALA C 175 36.87 -1.15 16.84
N LYS C 176 37.84 -0.34 17.24
CA LYS C 176 39.00 -0.86 17.94
C LYS C 176 38.55 -1.48 19.27
N ALA C 177 37.72 -0.74 20.01
CA ALA C 177 37.20 -1.21 21.29
C ALA C 177 36.50 -2.56 21.15
N ALA C 178 35.66 -2.65 20.12
CA ALA C 178 34.90 -3.88 19.82
C ALA C 178 35.83 -5.06 19.57
N THR C 179 36.91 -4.83 18.81
CA THR C 179 37.89 -5.87 18.54
C THR C 179 38.54 -6.29 19.87
N PHE C 180 38.94 -5.30 20.67
CA PHE C 180 39.55 -5.62 21.96
C PHE C 180 38.61 -6.43 22.84
N ALA C 181 37.38 -5.94 23.05
CA ALA C 181 36.39 -6.66 23.85
C ALA C 181 36.27 -8.13 23.42
N ALA C 182 36.15 -8.35 22.12
CA ALA C 182 36.02 -9.69 21.59
C ALA C 182 37.24 -10.54 21.95
N SER C 183 38.44 -9.97 21.82
CA SER C 183 39.65 -10.73 22.14
C SER C 183 39.60 -11.26 23.58
N LEU C 184 38.84 -10.56 24.43
CA LEU C 184 38.69 -10.94 25.83
C LEU C 184 37.57 -11.97 26.03
N GLY C 185 36.94 -12.40 24.93
CA GLY C 185 35.87 -13.36 25.02
C GLY C 185 34.49 -12.74 25.23
N LEU C 186 34.41 -11.41 25.17
CA LEU C 186 33.12 -10.76 25.36
C LEU C 186 32.34 -10.73 24.06
N LYS C 187 31.01 -10.76 24.17
CA LYS C 187 30.15 -10.64 23.01
C LYS C 187 29.80 -9.17 23.10
N VAL C 188 29.77 -8.46 21.97
CA VAL C 188 29.51 -7.03 22.04
C VAL C 188 28.37 -6.45 21.20
N ASN C 189 27.57 -5.63 21.87
CA ASN C 189 26.44 -4.96 21.27
C ASN C 189 26.83 -3.49 21.21
N ALA C 190 25.95 -2.66 20.65
CA ALA C 190 26.21 -1.24 20.56
C ALA C 190 24.86 -0.53 20.50
N GLY C 191 24.82 0.71 20.93
CA GLY C 191 23.57 1.42 20.89
C GLY C 191 23.56 2.74 21.63
N HIS C 192 22.50 3.50 21.35
CA HIS C 192 22.21 4.82 21.88
C HIS C 192 22.59 5.84 20.85
N GLY C 193 21.58 6.57 20.37
CA GLY C 193 21.79 7.59 19.35
C GLY C 193 21.87 7.09 17.91
N LEU C 194 21.71 5.79 17.70
CA LEU C 194 21.80 5.30 16.32
C LEU C 194 20.59 5.74 15.50
N THR C 195 20.85 6.25 14.31
CA THR C 195 19.80 6.74 13.42
C THR C 195 19.87 6.04 12.08
N TYR C 196 18.98 6.45 11.18
CA TYR C 196 18.92 5.89 9.84
C TYR C 196 20.09 6.36 9.00
N HIS C 197 20.74 7.44 9.41
CA HIS C 197 21.88 7.96 8.65
C HIS C 197 23.26 7.65 9.24
N ASN C 198 23.32 7.12 10.45
CA ASN C 198 24.62 6.80 11.01
C ASN C 198 24.72 5.32 11.42
N VAL C 199 23.64 4.57 11.22
CA VAL C 199 23.63 3.17 11.61
C VAL C 199 24.54 2.24 10.81
N LYS C 200 24.68 2.47 9.51
CA LYS C 200 25.48 1.56 8.71
C LYS C 200 26.96 1.39 9.09
N ALA C 201 27.65 2.47 9.38
CA ALA C 201 29.06 2.35 9.74
C ALA C 201 29.22 1.55 11.03
N ILE C 202 28.22 1.58 11.90
CA ILE C 202 28.32 0.81 13.14
C ILE C 202 28.01 -0.66 12.87
N ALA C 203 26.97 -0.90 12.07
CA ALA C 203 26.58 -2.28 11.72
C ALA C 203 27.70 -2.99 10.95
N ALA C 204 28.49 -2.24 10.20
CA ALA C 204 29.59 -2.82 9.43
C ALA C 204 30.66 -3.48 10.32
N ILE C 205 30.78 -3.01 11.56
CA ILE C 205 31.77 -3.59 12.49
C ILE C 205 31.43 -5.06 12.75
N PRO C 206 32.32 -5.96 12.32
CA PRO C 206 32.17 -7.43 12.46
C PRO C 206 31.82 -8.00 13.84
N GLU C 207 32.48 -7.50 14.87
CA GLU C 207 32.24 -7.96 16.24
C GLU C 207 30.84 -7.71 16.79
N MET C 208 30.14 -6.70 16.25
CA MET C 208 28.80 -6.39 16.74
C MET C 208 27.83 -7.57 16.65
N HIS C 209 27.19 -7.87 17.78
CA HIS C 209 26.23 -8.96 17.87
C HIS C 209 24.83 -8.42 17.66
N GLU C 210 24.39 -7.54 18.54
CA GLU C 210 23.07 -6.95 18.43
C GLU C 210 23.13 -5.44 18.61
N LEU C 211 22.33 -4.69 17.86
CA LEU C 211 22.29 -3.24 18.00
C LEU C 211 20.96 -2.91 18.64
N ASN C 212 20.99 -2.04 19.64
CA ASN C 212 19.76 -1.65 20.32
C ASN C 212 19.46 -0.21 19.95
N ILE C 213 18.28 0.00 19.35
CA ILE C 213 17.90 1.33 18.92
C ILE C 213 16.47 1.67 19.36
N GLY C 214 16.26 2.91 19.80
CA GLY C 214 14.91 3.27 20.23
C GLY C 214 14.32 4.56 19.68
N HIS C 215 14.73 5.67 20.28
CA HIS C 215 14.24 6.98 19.90
C HIS C 215 14.17 7.24 18.39
N ALA C 216 15.27 6.98 17.67
CA ALA C 216 15.29 7.23 16.24
C ALA C 216 14.16 6.47 15.50
N ILE C 217 13.93 5.23 15.91
CA ILE C 217 12.90 4.40 15.31
C ILE C 217 11.50 4.93 15.63
N ILE C 218 11.28 5.32 16.88
CA ILE C 218 9.99 5.85 17.28
C ILE C 218 9.72 7.20 16.62
N GLY C 219 10.77 7.99 16.42
CA GLY C 219 10.63 9.30 15.79
C GLY C 219 10.21 9.19 14.34
N ARG C 220 10.62 8.10 13.71
CA ARG C 220 10.28 7.82 12.34
C ARG C 220 8.85 7.27 12.30
N ALA C 221 8.53 6.45 13.29
CA ALA C 221 7.21 5.83 13.35
C ALA C 221 6.05 6.82 13.42
N VAL C 222 6.17 7.94 14.15
CA VAL C 222 5.05 8.86 14.17
C VAL C 222 4.69 9.37 12.77
N MET C 223 5.67 9.36 11.88
CA MET C 223 5.40 9.82 10.52
C MET C 223 4.95 8.65 9.68
N THR C 224 5.83 7.66 9.69
CA THR C 224 5.75 6.43 8.92
C THR C 224 5.02 5.18 9.44
N GLY C 225 4.85 5.07 10.75
CA GLY C 225 4.21 3.88 11.30
C GLY C 225 5.36 3.02 11.78
N LEU C 226 5.18 2.33 12.90
CA LEU C 226 6.24 1.49 13.47
C LEU C 226 6.74 0.36 12.55
N LYS C 227 5.82 -0.34 11.90
CA LYS C 227 6.21 -1.45 11.03
C LYS C 227 7.34 -1.10 10.07
N ASP C 228 7.09 -0.12 9.21
CA ASP C 228 8.08 0.32 8.23
C ASP C 228 9.31 0.91 8.88
N ALA C 229 9.10 1.61 9.99
CA ALA C 229 10.22 2.21 10.69
C ALA C 229 11.24 1.14 11.09
N VAL C 230 10.76 0.05 11.69
CA VAL C 230 11.63 -1.06 12.11
C VAL C 230 12.22 -1.82 10.92
N ALA C 231 11.41 -2.08 9.90
CA ALA C 231 11.88 -2.81 8.73
C ALA C 231 12.95 -2.02 7.98
N GLU C 232 12.79 -0.71 7.90
CA GLU C 232 13.79 0.10 7.21
C GLU C 232 15.12 0.05 7.95
N MET C 233 15.06 0.08 9.27
CA MET C 233 16.27 0.02 10.08
C MET C 233 16.94 -1.34 9.92
N LYS C 234 16.17 -2.43 9.97
CA LYS C 234 16.78 -3.77 9.81
C LYS C 234 17.38 -3.87 8.41
N ARG C 235 16.72 -3.27 7.43
CA ARG C 235 17.19 -3.28 6.05
C ARG C 235 18.55 -2.63 5.97
N LEU C 236 18.67 -1.39 6.45
CA LEU C 236 19.95 -0.68 6.41
C LEU C 236 21.05 -1.49 7.10
N MET C 237 20.70 -2.15 8.20
CA MET C 237 21.66 -2.93 8.95
C MET C 237 22.23 -4.12 8.16
N LEU C 238 21.36 -4.89 7.53
CA LEU C 238 21.85 -6.03 6.79
C LEU C 238 22.62 -5.57 5.55
N GLU C 239 22.22 -4.45 4.96
CA GLU C 239 22.93 -3.92 3.79
C GLU C 239 24.36 -3.62 4.18
N ALA C 240 24.54 -2.93 5.31
CA ALA C 240 25.87 -2.58 5.81
C ALA C 240 26.79 -3.81 5.91
N ARG C 241 26.26 -4.95 6.36
CA ARG C 241 27.04 -6.18 6.49
C ARG C 241 27.24 -6.92 5.16
N GLY C 242 26.40 -6.61 4.17
CA GLY C 242 26.56 -7.25 2.88
C GLY C 242 27.49 -6.45 1.98
N ALA D 1 -27.07 15.86 -12.24
CA ALA D 1 -26.37 14.54 -12.11
C ALA D 1 -25.03 14.72 -11.41
N GLU D 2 -24.15 13.75 -11.60
CA GLU D 2 -22.82 13.75 -10.99
C GLU D 2 -21.93 14.93 -11.41
N LEU D 3 -21.30 15.59 -10.44
CA LEU D 3 -20.40 16.70 -10.72
C LEU D 3 -19.19 16.05 -11.38
N LEU D 4 -18.61 16.70 -12.38
CA LEU D 4 -17.48 16.11 -13.08
C LEU D 4 -16.14 16.80 -12.84
N LEU D 5 -15.07 16.05 -13.03
CA LEU D 5 -13.72 16.59 -12.85
C LEU D 5 -12.88 16.56 -14.12
N GLY D 6 -12.38 17.73 -14.49
CA GLY D 6 -11.51 17.86 -15.65
C GLY D 6 -10.11 18.09 -15.08
N VAL D 7 -9.20 17.15 -15.32
CA VAL D 7 -7.83 17.31 -14.83
C VAL D 7 -6.94 17.93 -15.90
N ASN D 8 -6.33 19.05 -15.54
CA ASN D 8 -5.43 19.77 -16.42
C ASN D 8 -4.03 19.26 -16.16
N ILE D 9 -3.42 18.67 -17.17
CA ILE D 9 -2.08 18.12 -17.02
C ILE D 9 -0.97 19.02 -17.55
N ASP D 10 -1.29 20.29 -17.82
CA ASP D 10 -0.28 21.22 -18.33
C ASP D 10 1.03 21.13 -17.54
N HIS D 11 0.93 21.19 -16.21
CA HIS D 11 2.13 21.19 -15.39
C HIS D 11 2.97 19.94 -15.35
N ILE D 12 2.52 18.89 -16.04
CA ILE D 12 3.32 17.68 -16.14
C ILE D 12 4.36 18.12 -17.19
N ALA D 13 3.87 18.77 -18.25
CA ALA D 13 4.73 19.27 -19.33
C ALA D 13 5.63 20.39 -18.85
N THR D 14 5.17 21.17 -17.89
CA THR D 14 6.00 22.25 -17.35
C THR D 14 7.30 21.67 -16.81
N LEU D 15 7.16 20.56 -16.09
CA LEU D 15 8.29 19.86 -15.49
C LEU D 15 9.14 19.23 -16.60
N ARG D 16 8.48 18.61 -17.58
CA ARG D 16 9.22 18.03 -18.69
C ARG D 16 10.02 19.09 -19.43
N ASN D 17 9.34 20.15 -19.86
CA ASN D 17 10.00 21.22 -20.60
C ASN D 17 11.11 21.97 -19.89
N ALA D 18 11.12 21.97 -18.56
CA ALA D 18 12.16 22.66 -17.83
C ALA D 18 13.54 22.08 -18.18
N ARG D 19 13.54 20.85 -18.64
CA ARG D 19 14.79 20.18 -18.93
C ARG D 19 14.98 19.74 -20.37
N GLY D 20 13.92 19.70 -21.16
CA GLY D 20 14.11 19.27 -22.54
C GLY D 20 14.20 17.75 -22.68
N THR D 21 13.84 17.03 -21.63
CA THR D 21 13.86 15.57 -21.68
C THR D 21 12.48 15.13 -22.16
N ALA D 22 12.24 13.82 -22.22
CA ALA D 22 10.93 13.33 -22.68
C ALA D 22 9.95 13.14 -21.50
N TYR D 23 10.50 12.95 -20.30
CA TYR D 23 9.73 12.74 -19.09
C TYR D 23 9.69 13.98 -18.19
N PRO D 24 8.61 14.12 -17.38
CA PRO D 24 7.52 13.16 -17.32
C PRO D 24 6.63 13.42 -18.55
N ASP D 25 6.06 12.36 -19.10
CA ASP D 25 5.23 12.46 -20.29
C ASP D 25 3.74 12.67 -20.00
N PRO D 26 3.16 13.77 -20.50
CA PRO D 26 1.73 14.02 -20.26
C PRO D 26 0.85 12.81 -20.62
N VAL D 27 1.26 12.04 -21.63
CA VAL D 27 0.48 10.87 -22.07
C VAL D 27 0.30 9.84 -20.95
N GLN D 28 1.29 9.68 -20.10
CA GLN D 28 1.18 8.74 -18.99
C GLN D 28 0.28 9.35 -17.92
N ALA D 29 0.44 10.65 -17.66
CA ALA D 29 -0.37 11.33 -16.65
C ALA D 29 -1.87 11.26 -16.99
N ALA D 30 -2.17 11.28 -18.29
CA ALA D 30 -3.56 11.21 -18.76
C ALA D 30 -4.21 9.85 -18.46
N PHE D 31 -3.48 8.76 -18.67
CA PHE D 31 -4.06 7.44 -18.37
C PHE D 31 -4.34 7.30 -16.87
N ILE D 32 -3.36 7.68 -16.05
CA ILE D 32 -3.48 7.61 -14.59
C ILE D 32 -4.68 8.40 -14.09
N ALA D 33 -4.76 9.66 -14.51
CA ALA D 33 -5.84 10.54 -14.10
C ALA D 33 -7.20 10.00 -14.49
N GLU D 34 -7.34 9.59 -15.76
CA GLU D 34 -8.60 9.03 -16.27
C GLU D 34 -9.04 7.77 -15.53
N GLN D 35 -8.13 7.12 -14.82
CA GLN D 35 -8.51 5.93 -14.08
C GLN D 35 -8.59 6.19 -12.57
N ALA D 36 -8.45 7.45 -12.17
CA ALA D 36 -8.49 7.80 -10.75
C ALA D 36 -9.54 8.85 -10.36
N GLY D 37 -10.47 9.14 -11.26
CA GLY D 37 -11.50 10.13 -10.96
C GLY D 37 -11.68 11.24 -11.98
N ALA D 38 -10.77 11.38 -12.92
CA ALA D 38 -10.94 12.43 -13.93
C ALA D 38 -11.98 11.94 -14.92
N ASP D 39 -12.91 12.81 -15.27
CA ASP D 39 -13.96 12.49 -16.23
C ASP D 39 -13.51 13.03 -17.59
N GLY D 40 -12.40 13.75 -17.59
CA GLY D 40 -11.86 14.31 -18.82
C GLY D 40 -10.47 14.87 -18.61
N ILE D 41 -9.78 15.17 -19.70
CA ILE D 41 -8.45 15.73 -19.59
C ILE D 41 -8.38 17.10 -20.26
N THR D 42 -7.70 18.03 -19.60
CA THR D 42 -7.55 19.37 -20.14
C THR D 42 -6.09 19.69 -20.38
N VAL D 43 -5.84 20.36 -21.50
CA VAL D 43 -4.50 20.79 -21.85
C VAL D 43 -4.64 22.18 -22.45
N HIS D 44 -3.72 23.06 -22.10
CA HIS D 44 -3.75 24.40 -22.64
C HIS D 44 -2.59 24.50 -23.64
N LEU D 45 -2.91 24.48 -24.94
CA LEU D 45 -1.90 24.61 -25.98
C LEU D 45 -1.63 26.11 -26.03
N ARG D 46 -0.59 26.55 -25.35
CA ARG D 46 -0.27 27.96 -25.35
C ARG D 46 0.45 28.27 -26.66
N GLU D 47 0.24 29.48 -27.17
CA GLU D 47 0.88 29.90 -28.42
C GLU D 47 2.40 29.71 -28.34
N ASP D 48 2.96 29.99 -27.16
CA ASP D 48 4.38 29.86 -26.92
C ASP D 48 4.76 28.44 -26.54
N ARG D 49 3.82 27.50 -26.66
CA ARG D 49 4.04 26.10 -26.29
C ARG D 49 4.98 25.93 -25.10
N ARG D 50 4.73 26.75 -24.08
CA ARG D 50 5.45 26.78 -22.82
C ARG D 50 5.54 25.35 -22.25
N HIS D 51 4.40 24.70 -22.12
CA HIS D 51 4.34 23.33 -21.60
C HIS D 51 3.76 22.32 -22.61
N ILE D 52 2.44 22.27 -22.76
CA ILE D 52 1.81 21.35 -23.71
C ILE D 52 2.22 21.72 -25.15
N THR D 53 2.68 20.71 -25.89
CA THR D 53 3.15 20.92 -27.26
C THR D 53 2.21 20.31 -28.28
N ASP D 54 2.55 20.48 -29.55
CA ASP D 54 1.75 19.92 -30.64
C ASP D 54 1.74 18.39 -30.62
N ARG D 55 2.88 17.75 -30.32
CA ARG D 55 2.86 16.30 -30.29
C ARG D 55 1.95 15.84 -29.15
N ASP D 56 1.99 16.57 -28.03
CA ASP D 56 1.16 16.25 -26.87
C ASP D 56 -0.30 16.15 -27.29
N VAL D 57 -0.81 17.23 -27.89
CA VAL D 57 -2.20 17.25 -28.35
C VAL D 57 -2.45 16.15 -29.36
N ARG D 58 -1.55 16.00 -30.33
CA ARG D 58 -1.72 14.96 -31.35
C ARG D 58 -1.76 13.53 -30.81
N ILE D 59 -0.88 13.20 -29.86
CA ILE D 59 -0.84 11.85 -29.30
C ILE D 59 -1.99 11.61 -28.31
N LEU D 60 -2.27 12.62 -27.49
CA LEU D 60 -3.35 12.59 -26.51
C LEU D 60 -4.69 12.37 -27.23
N ARG D 61 -4.88 13.08 -28.34
CA ARG D 61 -6.12 12.92 -29.08
C ARG D 61 -6.35 11.45 -29.46
N GLN D 62 -5.26 10.71 -29.64
CA GLN D 62 -5.36 9.29 -29.99
C GLN D 62 -5.40 8.34 -28.80
N THR D 63 -4.89 8.76 -27.65
CA THR D 63 -4.83 7.91 -26.45
C THR D 63 -5.84 8.20 -25.32
N LEU D 64 -6.45 9.38 -25.30
CA LEU D 64 -7.42 9.67 -24.26
C LEU D 64 -8.54 8.63 -24.37
N ASP D 65 -8.96 8.10 -23.24
CA ASP D 65 -10.03 7.11 -23.24
C ASP D 65 -11.33 7.85 -22.95
N THR D 66 -11.23 9.08 -22.46
CA THR D 66 -12.42 9.87 -22.17
C THR D 66 -12.56 10.95 -23.25
N ARG D 67 -12.20 12.20 -22.92
CA ARG D 67 -12.26 13.26 -23.93
C ARG D 67 -11.36 14.41 -23.60
N MET D 68 -10.95 15.11 -24.65
CA MET D 68 -10.08 16.24 -24.51
C MET D 68 -10.86 17.53 -24.42
N ASN D 69 -10.38 18.42 -23.55
CA ASN D 69 -10.94 19.73 -23.39
C ASN D 69 -9.74 20.60 -23.73
N LEU D 70 -9.69 21.12 -24.95
CA LEU D 70 -8.57 21.93 -25.39
C LEU D 70 -8.73 23.39 -24.97
N GLU D 71 -7.84 23.88 -24.13
CA GLU D 71 -7.89 25.29 -23.72
C GLU D 71 -7.04 26.08 -24.71
N MET D 72 -7.54 27.23 -25.16
CA MET D 72 -6.81 28.02 -26.14
C MET D 72 -7.22 29.48 -26.21
N ALA D 73 -6.33 30.29 -26.79
CA ALA D 73 -6.58 31.72 -26.98
C ALA D 73 -7.30 31.83 -28.31
N VAL D 74 -8.03 32.91 -28.53
CA VAL D 74 -8.78 33.07 -29.76
C VAL D 74 -7.95 33.66 -30.92
N THR D 75 -7.34 32.77 -31.70
CA THR D 75 -6.54 33.20 -32.84
C THR D 75 -6.80 32.25 -33.99
N GLU D 76 -6.42 32.66 -35.20
CA GLU D 76 -6.63 31.82 -36.37
C GLU D 76 -5.81 30.53 -36.33
N GLU D 77 -4.61 30.60 -35.76
CA GLU D 77 -3.77 29.42 -35.64
C GLU D 77 -4.53 28.39 -34.81
N MET D 78 -4.88 28.81 -33.61
CA MET D 78 -5.60 27.95 -32.68
C MET D 78 -6.94 27.43 -33.20
N LEU D 79 -7.76 28.30 -33.78
CA LEU D 79 -9.05 27.84 -34.31
C LEU D 79 -8.80 26.76 -35.35
N ALA D 80 -7.81 26.96 -36.21
CA ALA D 80 -7.52 25.95 -37.23
C ALA D 80 -7.06 24.65 -36.58
N ILE D 81 -6.27 24.74 -35.52
CA ILE D 81 -5.80 23.55 -34.83
C ILE D 81 -6.99 22.82 -34.20
N ALA D 82 -7.80 23.56 -33.45
CA ALA D 82 -8.97 22.98 -32.80
C ALA D 82 -9.89 22.31 -33.83
N VAL D 83 -10.13 22.99 -34.95
CA VAL D 83 -11.00 22.43 -35.98
C VAL D 83 -10.43 21.13 -36.54
N GLU D 84 -9.11 21.12 -36.72
CA GLU D 84 -8.43 19.94 -37.26
C GLU D 84 -8.38 18.84 -36.22
N THR D 85 -8.12 19.22 -34.97
CA THR D 85 -8.04 18.25 -33.89
C THR D 85 -9.40 17.68 -33.45
N LYS D 86 -10.45 18.49 -33.54
CA LYS D 86 -11.78 18.04 -33.16
C LYS D 86 -11.86 17.61 -31.70
N PRO D 87 -11.38 18.44 -30.78
CA PRO D 87 -11.49 18.01 -29.38
C PRO D 87 -12.98 17.97 -29.04
N HIS D 88 -13.35 17.25 -28.00
CA HIS D 88 -14.76 17.20 -27.62
C HIS D 88 -15.17 18.56 -27.04
N PHE D 89 -14.31 19.13 -26.18
CA PHE D 89 -14.57 20.43 -25.56
C PHE D 89 -13.49 21.42 -25.94
N CYS D 90 -13.86 22.68 -25.96
CA CYS D 90 -12.93 23.75 -26.27
C CYS D 90 -13.25 24.88 -25.30
N CYS D 91 -12.23 25.37 -24.61
CA CYS D 91 -12.44 26.46 -23.67
C CYS D 91 -11.55 27.61 -24.13
N LEU D 92 -12.18 28.70 -24.54
CA LEU D 92 -11.46 29.86 -25.03
C LEU D 92 -11.02 30.73 -23.86
N VAL D 93 -9.73 30.99 -23.79
CA VAL D 93 -9.19 31.79 -22.70
C VAL D 93 -8.35 32.95 -23.19
N PRO D 94 -8.17 33.97 -22.34
CA PRO D 94 -7.37 35.14 -22.70
C PRO D 94 -5.90 34.74 -22.56
N GLU D 95 -5.06 35.21 -23.47
CA GLU D 95 -3.62 34.92 -23.43
C GLU D 95 -2.81 36.18 -23.70
N LYS D 96 -1.63 36.14 -22.73
CA LYS D 96 -0.50 37.02 -23.08
C LYS D 96 0.68 36.06 -23.24
N ARG D 97 1.53 36.30 -24.23
CA ARG D 97 2.65 35.39 -24.46
C ARG D 97 3.52 35.06 -23.24
N GLN D 98 3.80 36.04 -22.39
CA GLN D 98 4.66 35.79 -21.23
C GLN D 98 4.05 35.94 -19.85
N GLU D 99 2.77 35.62 -19.71
CA GLU D 99 2.11 35.69 -18.42
C GLU D 99 2.50 34.45 -17.62
N VAL D 100 2.44 34.56 -16.29
CA VAL D 100 2.74 33.45 -15.39
C VAL D 100 1.69 32.37 -15.66
N THR D 101 0.40 32.80 -15.71
CA THR D 101 -0.76 31.94 -15.93
C THR D 101 -1.99 32.80 -16.28
N THR D 102 -3.19 32.24 -16.23
CA THR D 102 -4.36 33.07 -16.58
C THR D 102 -4.92 33.89 -15.38
N GLU D 103 -5.42 35.17 -15.55
CA GLU D 103 -5.92 35.97 -14.38
C GLU D 103 -7.08 36.93 -14.72
N GLY D 104 -7.43 37.06 -15.99
CA GLY D 104 -8.53 37.88 -16.40
C GLY D 104 -9.53 37.01 -17.16
N GLY D 105 -10.74 36.96 -16.69
CA GLY D 105 -11.62 36.22 -17.51
C GLY D 105 -11.35 36.70 -18.94
N LEU D 106 -12.01 36.05 -19.85
CA LEU D 106 -11.97 36.41 -21.25
C LEU D 106 -12.90 37.62 -21.41
N ASP D 107 -12.47 38.61 -22.18
CA ASP D 107 -13.29 39.80 -22.39
C ASP D 107 -14.21 39.54 -23.56
N VAL D 108 -15.35 38.93 -23.29
CA VAL D 108 -16.30 38.62 -24.35
C VAL D 108 -17.11 39.86 -24.71
N ALA D 109 -17.61 40.55 -23.70
CA ALA D 109 -18.43 41.74 -23.93
C ALA D 109 -17.71 42.77 -24.79
N GLY D 110 -16.38 42.68 -24.80
CA GLY D 110 -15.59 43.62 -25.57
C GLY D 110 -15.15 43.17 -26.94
N GLN D 111 -15.33 41.89 -27.25
CA GLN D 111 -14.93 41.35 -28.55
C GLN D 111 -16.05 40.44 -29.06
N ARG D 112 -17.28 40.88 -28.84
CA ARG D 112 -18.48 40.14 -29.21
C ARG D 112 -18.48 39.53 -30.61
N ASP D 113 -17.97 40.25 -31.61
CA ASP D 113 -17.95 39.68 -32.95
C ASP D 113 -16.87 38.60 -33.11
N LYS D 114 -15.73 38.80 -32.46
CA LYS D 114 -14.65 37.83 -32.54
C LYS D 114 -15.12 36.51 -31.94
N MET D 115 -15.70 36.59 -30.75
CA MET D 115 -16.20 35.42 -30.06
C MET D 115 -17.34 34.78 -30.84
N ARG D 116 -18.26 35.61 -31.35
CA ARG D 116 -19.40 35.10 -32.09
C ARG D 116 -18.91 34.25 -33.25
N ASP D 117 -17.82 34.70 -33.87
CA ASP D 117 -17.23 33.98 -34.98
C ASP D 117 -16.61 32.67 -34.51
N ALA D 118 -15.87 32.77 -33.41
CA ALA D 118 -15.22 31.62 -32.84
C ALA D 118 -16.23 30.54 -32.47
N CYS D 119 -17.28 30.92 -31.72
CA CYS D 119 -18.29 29.95 -31.30
C CYS D 119 -18.97 29.23 -32.47
N LYS D 120 -19.36 29.98 -33.50
CA LYS D 120 -20.03 29.42 -34.67
C LYS D 120 -19.07 28.50 -35.41
N ARG D 121 -17.84 28.96 -35.53
CA ARG D 121 -16.78 28.24 -36.22
C ARG D 121 -16.47 26.88 -35.57
N LEU D 122 -16.27 26.87 -34.26
CA LEU D 122 -15.95 25.64 -33.58
C LEU D 122 -17.14 24.68 -33.55
N ALA D 123 -18.33 25.22 -33.31
CA ALA D 123 -19.52 24.38 -33.26
C ALA D 123 -19.73 23.69 -34.60
N ASP D 124 -19.53 24.40 -35.69
CA ASP D 124 -19.70 23.79 -37.02
C ASP D 124 -18.87 22.52 -37.09
N ALA D 125 -17.68 22.55 -36.49
CA ALA D 125 -16.77 21.42 -36.47
C ALA D 125 -17.17 20.37 -35.45
N GLY D 126 -18.29 20.57 -34.78
CA GLY D 126 -18.74 19.63 -33.77
C GLY D 126 -18.04 19.74 -32.43
N ILE D 127 -17.55 20.93 -32.09
CA ILE D 127 -16.86 21.15 -30.81
C ILE D 127 -17.76 21.93 -29.85
N GLN D 128 -17.84 21.48 -28.60
CA GLN D 128 -18.66 22.20 -27.64
C GLN D 128 -17.79 23.26 -27.00
N VAL D 129 -18.20 24.52 -27.16
CA VAL D 129 -17.44 25.65 -26.65
C VAL D 129 -17.80 26.18 -25.30
N SER D 130 -16.77 26.53 -24.55
CA SER D 130 -16.87 27.11 -23.22
C SER D 130 -16.02 28.36 -23.18
N LEU D 131 -16.57 29.44 -22.65
CA LEU D 131 -15.82 30.68 -22.55
C LEU D 131 -15.36 30.89 -21.09
N PHE D 132 -14.05 31.02 -20.89
CA PHE D 132 -13.52 31.23 -19.54
C PHE D 132 -13.76 32.68 -19.17
N ILE D 133 -14.69 32.96 -18.26
CA ILE D 133 -14.99 34.34 -17.89
C ILE D 133 -15.10 34.62 -16.38
N ASP D 134 -15.18 35.89 -16.03
CA ASP D 134 -15.30 36.31 -14.65
C ASP D 134 -16.74 36.23 -14.16
N ALA D 135 -16.92 36.08 -12.86
CA ALA D 135 -18.25 36.03 -12.26
C ALA D 135 -18.80 37.44 -12.43
N ASP D 136 -19.03 37.82 -13.68
CA ASP D 136 -19.52 39.14 -14.03
C ASP D 136 -20.72 39.06 -14.97
N GLU D 137 -21.85 39.64 -14.54
CA GLU D 137 -23.06 39.60 -15.36
C GLU D 137 -22.88 40.14 -16.76
N GLU D 138 -22.07 41.18 -16.91
CA GLU D 138 -21.85 41.74 -18.23
C GLU D 138 -21.19 40.68 -19.13
N GLN D 139 -20.16 40.03 -18.63
CA GLN D 139 -19.47 39.00 -19.41
C GLN D 139 -20.38 37.80 -19.68
N ILE D 140 -21.24 37.47 -18.72
CA ILE D 140 -22.14 36.32 -18.86
C ILE D 140 -23.24 36.56 -19.90
N LYS D 141 -23.84 37.75 -19.87
CA LYS D 141 -24.88 38.10 -20.83
C LYS D 141 -24.25 38.05 -22.22
N ALA D 142 -23.00 38.48 -22.31
CA ALA D 142 -22.28 38.50 -23.57
C ALA D 142 -22.00 37.08 -24.10
N ALA D 143 -21.64 36.18 -23.20
CA ALA D 143 -21.36 34.81 -23.59
C ALA D 143 -22.65 34.17 -24.11
N ALA D 144 -23.75 34.50 -23.45
CA ALA D 144 -25.04 33.95 -23.85
C ALA D 144 -25.43 34.49 -25.22
N GLU D 145 -25.35 35.80 -25.37
CA GLU D 145 -25.71 36.46 -26.62
C GLU D 145 -24.90 35.90 -27.80
N VAL D 146 -23.62 35.70 -27.56
CA VAL D 146 -22.70 35.20 -28.56
C VAL D 146 -22.90 33.73 -29.00
N GLY D 147 -23.69 32.94 -28.27
CA GLY D 147 -23.91 31.57 -28.70
C GLY D 147 -23.21 30.43 -27.97
N ALA D 148 -22.19 30.74 -27.18
CA ALA D 148 -21.47 29.71 -26.43
C ALA D 148 -22.42 28.89 -25.56
N PRO D 149 -22.31 27.55 -25.59
CA PRO D 149 -23.20 26.72 -24.76
C PRO D 149 -22.74 26.62 -23.29
N PHE D 150 -21.43 26.80 -23.06
CA PHE D 150 -20.84 26.72 -21.71
C PHE D 150 -19.98 27.93 -21.37
N ILE D 151 -19.85 28.22 -20.08
CA ILE D 151 -18.94 29.26 -19.60
C ILE D 151 -18.23 28.57 -18.42
N GLU D 152 -17.05 29.05 -18.06
CA GLU D 152 -16.34 28.48 -16.94
C GLU D 152 -15.98 29.69 -16.10
N ILE D 153 -16.54 29.76 -14.90
CA ILE D 153 -16.25 30.90 -14.06
C ILE D 153 -14.85 30.83 -13.46
N HIS D 154 -14.13 31.94 -13.56
CA HIS D 154 -12.78 32.08 -13.04
C HIS D 154 -12.82 32.12 -11.51
N THR D 155 -12.34 31.05 -10.87
CA THR D 155 -12.36 31.00 -9.42
C THR D 155 -11.08 31.54 -8.78
N GLY D 156 -10.29 32.26 -9.58
CA GLY D 156 -9.03 32.82 -9.10
C GLY D 156 -9.17 33.77 -7.92
N CYS D 157 -10.03 34.77 -8.05
CA CYS D 157 -10.22 35.76 -6.98
C CYS D 157 -10.63 35.05 -5.70
N TYR D 158 -11.49 34.06 -5.82
CA TYR D 158 -11.92 33.29 -4.66
C TYR D 158 -10.71 32.58 -4.06
N ALA D 159 -9.94 31.89 -4.88
CA ALA D 159 -8.78 31.15 -4.41
C ALA D 159 -7.70 32.01 -3.78
N ASP D 160 -7.62 33.27 -4.15
CA ASP D 160 -6.59 34.14 -3.62
C ASP D 160 -7.11 35.10 -2.57
N ALA D 161 -8.35 34.92 -2.15
CA ALA D 161 -8.94 35.78 -1.13
C ALA D 161 -7.92 35.86 0.00
N LYS D 162 -7.76 37.05 0.56
CA LYS D 162 -6.78 37.26 1.62
C LYS D 162 -7.35 37.22 3.03
N THR D 163 -8.67 37.14 3.16
CA THR D 163 -9.33 37.07 4.47
C THR D 163 -10.60 36.23 4.35
N ASP D 164 -11.04 35.65 5.47
CA ASP D 164 -12.24 34.83 5.43
C ASP D 164 -13.46 35.58 4.90
N ALA D 165 -13.50 36.88 5.16
CA ALA D 165 -14.63 37.68 4.69
C ALA D 165 -14.49 37.88 3.20
N GLU D 166 -13.26 38.17 2.78
CA GLU D 166 -12.96 38.38 1.36
C GLU D 166 -13.29 37.10 0.57
N GLN D 167 -13.09 35.95 1.20
CA GLN D 167 -13.35 34.68 0.55
C GLN D 167 -14.85 34.40 0.46
N ALA D 168 -15.58 34.71 1.52
CA ALA D 168 -17.03 34.50 1.54
C ALA D 168 -17.67 35.42 0.50
N GLN D 169 -17.11 36.61 0.35
CA GLN D 169 -17.58 37.60 -0.60
C GLN D 169 -17.51 37.00 -2.02
N GLU D 170 -16.31 36.54 -2.38
CA GLU D 170 -16.08 35.95 -3.69
C GLU D 170 -16.96 34.71 -3.93
N LEU D 171 -17.05 33.85 -2.93
CA LEU D 171 -17.84 32.63 -3.04
C LEU D 171 -19.23 33.01 -3.50
N ALA D 172 -19.84 33.93 -2.75
CA ALA D 172 -21.18 34.42 -3.02
C ALA D 172 -21.32 34.94 -4.45
N ARG D 173 -20.32 35.66 -4.91
CA ARG D 173 -20.39 36.22 -6.24
C ARG D 173 -20.36 35.13 -7.29
N ILE D 174 -19.63 34.05 -6.99
CA ILE D 174 -19.54 32.94 -7.93
C ILE D 174 -20.86 32.18 -7.97
N ALA D 175 -21.44 31.94 -6.80
CA ALA D 175 -22.72 31.24 -6.72
C ALA D 175 -23.84 32.02 -7.42
N LYS D 176 -23.88 33.33 -7.19
CA LYS D 176 -24.90 34.16 -7.81
C LYS D 176 -24.71 34.14 -9.31
N ALA D 177 -23.47 34.29 -9.75
CA ALA D 177 -23.17 34.30 -11.17
C ALA D 177 -23.54 32.97 -11.82
N ALA D 178 -23.36 31.88 -11.08
CA ALA D 178 -23.68 30.54 -11.57
C ALA D 178 -25.18 30.41 -11.81
N THR D 179 -25.96 30.88 -10.84
CA THR D 179 -27.42 30.82 -10.95
C THR D 179 -27.87 31.71 -12.09
N PHE D 180 -27.26 32.89 -12.16
CA PHE D 180 -27.59 33.85 -13.21
C PHE D 180 -27.33 33.25 -14.60
N ALA D 181 -26.15 32.67 -14.79
CA ALA D 181 -25.81 32.08 -16.08
C ALA D 181 -26.81 31.01 -16.47
N ALA D 182 -27.12 30.11 -15.53
CA ALA D 182 -28.05 29.02 -15.79
C ALA D 182 -29.42 29.53 -16.26
N SER D 183 -29.88 30.64 -15.67
CA SER D 183 -31.17 31.25 -16.02
C SER D 183 -31.19 31.73 -17.47
N LEU D 184 -30.00 31.91 -18.05
CA LEU D 184 -29.87 32.35 -19.45
C LEU D 184 -29.60 31.16 -20.38
N GLY D 185 -29.82 29.95 -19.87
CA GLY D 185 -29.61 28.75 -20.67
C GLY D 185 -28.18 28.21 -20.78
N LEU D 186 -27.25 28.81 -20.08
CA LEU D 186 -25.86 28.35 -20.14
C LEU D 186 -25.56 27.24 -19.14
N LYS D 187 -24.67 26.32 -19.52
CA LYS D 187 -24.23 25.29 -18.59
C LYS D 187 -22.95 25.95 -18.02
N VAL D 188 -22.67 25.77 -16.74
CA VAL D 188 -21.51 26.44 -16.18
C VAL D 188 -20.48 25.59 -15.42
N ASN D 189 -19.22 25.84 -15.78
CA ASN D 189 -18.12 25.15 -15.17
C ASN D 189 -17.39 26.16 -14.30
N ALA D 190 -16.32 25.70 -13.65
CA ALA D 190 -15.54 26.58 -12.79
C ALA D 190 -14.14 26.02 -12.67
N GLY D 191 -13.20 26.88 -12.32
CA GLY D 191 -11.84 26.41 -12.17
C GLY D 191 -10.83 27.52 -12.25
N HIS D 192 -9.65 27.17 -11.77
CA HIS D 192 -8.44 27.97 -11.69
C HIS D 192 -8.17 28.32 -10.24
N GLY D 193 -7.04 27.84 -9.76
CA GLY D 193 -6.68 28.11 -8.37
C GLY D 193 -7.36 27.20 -7.37
N LEU D 194 -8.20 26.28 -7.83
CA LEU D 194 -8.88 25.37 -6.91
C LEU D 194 -7.89 24.43 -6.22
N THR D 195 -8.03 24.29 -4.92
CA THR D 195 -7.12 23.47 -4.13
C THR D 195 -7.89 22.46 -3.31
N TYR D 196 -7.15 21.61 -2.60
CA TYR D 196 -7.78 20.61 -1.75
C TYR D 196 -8.53 21.27 -0.61
N HIS D 197 -8.15 22.49 -0.27
CA HIS D 197 -8.81 23.16 0.84
C HIS D 197 -9.90 24.16 0.52
N ASN D 198 -10.13 24.45 -0.75
CA ASN D 198 -11.16 25.43 -1.07
C ASN D 198 -12.12 24.92 -2.14
N VAL D 199 -11.97 23.66 -2.54
CA VAL D 199 -12.81 23.11 -3.60
C VAL D 199 -14.24 22.78 -3.22
N LYS D 200 -14.45 22.30 -2.00
CA LYS D 200 -15.81 21.93 -1.59
C LYS D 200 -16.82 23.04 -1.66
N ALA D 201 -16.44 24.24 -1.28
CA ALA D 201 -17.39 25.35 -1.34
C ALA D 201 -17.84 25.56 -2.78
N ILE D 202 -16.94 25.34 -3.74
CA ILE D 202 -17.32 25.52 -5.15
C ILE D 202 -18.12 24.30 -5.65
N ALA D 203 -17.69 23.10 -5.28
CA ALA D 203 -18.40 21.90 -5.71
C ALA D 203 -19.86 21.88 -5.22
N ALA D 204 -20.11 22.50 -4.07
CA ALA D 204 -21.45 22.55 -3.49
C ALA D 204 -22.44 23.30 -4.37
N ILE D 205 -21.94 24.28 -5.10
CA ILE D 205 -22.77 25.09 -5.99
C ILE D 205 -23.43 24.13 -6.99
N PRO D 206 -24.75 24.02 -6.93
CA PRO D 206 -25.58 23.15 -7.78
C PRO D 206 -25.41 23.26 -9.29
N GLU D 207 -25.34 24.49 -9.77
CA GLU D 207 -25.23 24.70 -11.21
C GLU D 207 -23.93 24.20 -11.82
N MET D 208 -22.90 24.02 -11.01
CA MET D 208 -21.62 23.55 -11.51
C MET D 208 -21.72 22.20 -12.22
N HIS D 209 -21.21 22.15 -13.45
CA HIS D 209 -21.24 20.95 -14.27
C HIS D 209 -19.92 20.18 -14.19
N GLU D 210 -18.82 20.88 -14.38
CA GLU D 210 -17.51 20.26 -14.33
C GLU D 210 -16.49 21.23 -13.76
N LEU D 211 -15.58 20.74 -12.92
CA LEU D 211 -14.54 21.60 -12.37
C LEU D 211 -13.22 21.22 -13.05
N ASN D 212 -12.51 22.23 -13.54
CA ASN D 212 -11.23 22.00 -14.21
C ASN D 212 -10.13 22.43 -13.25
N ILE D 213 -9.38 21.44 -12.78
CA ILE D 213 -8.36 21.73 -11.81
C ILE D 213 -7.04 21.20 -12.31
N GLY D 214 -5.97 21.97 -12.11
CA GLY D 214 -4.68 21.52 -12.59
C GLY D 214 -3.52 21.60 -11.62
N HIS D 215 -2.98 22.81 -11.46
CA HIS D 215 -1.83 23.05 -10.62
C HIS D 215 -1.84 22.41 -9.25
N ALA D 216 -2.92 22.57 -8.49
CA ALA D 216 -2.96 22.01 -7.15
C ALA D 216 -2.80 20.49 -7.14
N ILE D 217 -3.36 19.84 -8.15
CA ILE D 217 -3.26 18.40 -8.27
C ILE D 217 -1.82 17.95 -8.56
N ILE D 218 -1.17 18.58 -9.55
CA ILE D 218 0.19 18.24 -9.89
C ILE D 218 1.09 18.56 -8.69
N GLY D 219 0.73 19.63 -7.98
CA GLY D 219 1.49 20.03 -6.81
C GLY D 219 1.39 18.99 -5.72
N ARG D 220 0.23 18.32 -5.62
CA ARG D 220 0.04 17.27 -4.61
C ARG D 220 0.73 16.01 -5.12
N ALA D 221 0.59 15.75 -6.41
CA ALA D 221 1.17 14.59 -7.07
C ALA D 221 2.68 14.38 -6.82
N VAL D 222 3.50 15.42 -6.91
CA VAL D 222 4.95 15.23 -6.68
C VAL D 222 5.21 14.58 -5.32
N MET D 223 4.32 14.83 -4.37
CA MET D 223 4.48 14.24 -3.05
C MET D 223 3.85 12.86 -2.98
N THR D 224 2.54 12.79 -3.26
CA THR D 224 1.81 11.52 -3.17
C THR D 224 1.62 10.71 -4.46
N GLY D 225 1.94 11.27 -5.62
CA GLY D 225 1.75 10.54 -6.87
C GLY D 225 0.40 10.92 -7.47
N LEU D 226 0.30 11.04 -8.79
CA LEU D 226 -0.95 11.45 -9.45
C LEU D 226 -2.22 10.69 -9.07
N LYS D 227 -2.17 9.36 -9.06
CA LYS D 227 -3.35 8.58 -8.76
C LYS D 227 -4.09 9.01 -7.51
N ASP D 228 -3.38 9.08 -6.40
CA ASP D 228 -4.00 9.47 -5.14
C ASP D 228 -4.42 10.93 -5.16
N ALA D 229 -3.64 11.76 -5.84
CA ALA D 229 -3.94 13.17 -5.91
C ALA D 229 -5.27 13.39 -6.61
N VAL D 230 -5.48 12.68 -7.72
CA VAL D 230 -6.73 12.82 -8.47
C VAL D 230 -7.92 12.24 -7.70
N ALA D 231 -7.79 11.00 -7.22
CA ALA D 231 -8.86 10.34 -6.45
C ALA D 231 -9.31 11.15 -5.23
N GLU D 232 -8.35 11.72 -4.52
CA GLU D 232 -8.61 12.53 -3.33
C GLU D 232 -9.40 13.81 -3.67
N MET D 233 -9.04 14.47 -4.76
CA MET D 233 -9.74 15.69 -5.21
C MET D 233 -11.19 15.32 -5.60
N LYS D 234 -11.33 14.21 -6.31
CA LYS D 234 -12.66 13.75 -6.75
C LYS D 234 -13.53 13.42 -5.53
N ARG D 235 -12.95 12.71 -4.56
CA ARG D 235 -13.67 12.39 -3.35
C ARG D 235 -14.15 13.67 -2.67
N LEU D 236 -13.28 14.67 -2.54
CA LEU D 236 -13.70 15.89 -1.87
C LEU D 236 -14.85 16.52 -2.61
N MET D 237 -14.82 16.45 -3.95
CA MET D 237 -15.90 17.01 -4.73
C MET D 237 -17.23 16.31 -4.47
N LEU D 238 -17.26 14.98 -4.57
CA LEU D 238 -18.49 14.21 -4.33
C LEU D 238 -19.00 14.41 -2.89
N GLU D 239 -18.10 14.55 -1.93
CA GLU D 239 -18.51 14.79 -0.55
C GLU D 239 -19.28 16.11 -0.45
N ALA D 240 -18.81 17.15 -1.14
CA ALA D 240 -19.45 18.44 -1.08
C ALA D 240 -20.90 18.39 -1.56
N ARG D 241 -21.22 17.46 -2.45
CA ARG D 241 -22.58 17.36 -2.96
C ARG D 241 -23.49 16.41 -2.20
N GLY D 242 -22.91 15.66 -1.25
CA GLY D 242 -23.71 14.74 -0.45
C GLY D 242 -23.96 15.28 0.95
C1 DXP E . -23.49 -17.76 18.76
C2 DXP E . -22.35 -17.02 19.31
C3 DXP E . -20.96 -17.28 18.80
C4 DXP E . -20.16 -18.41 19.49
C5 DXP E . -18.96 -18.73 18.63
O2 DXP E . -22.57 -16.16 20.17
O3 DXP E . -20.22 -16.08 18.93
O4 DXP E . -19.69 -17.92 20.76
O5 DXP E . -18.11 -19.74 19.22
P DXP E . -16.90 -20.02 18.37
O2P DXP E . -17.25 -20.40 16.97
O1P DXP E . -16.08 -21.11 18.99
O3P DXP E . -16.15 -18.90 18.27
O1 G3P F . -21.82 -13.71 19.30
C1 G3P F . -21.78 -13.48 18.08
C2 G3P F . -20.47 -13.52 17.36
O2 G3P F . -19.43 -13.60 18.37
C3 G3P F . -20.63 -14.73 16.43
O1P G3P F . -19.45 -14.84 15.70
O4P G3P F . -19.42 -14.78 13.48
O2P G3P F . -20.68 -16.60 14.17
O3P G3P F . -18.15 -16.49 14.47
P G3P F . -19.49 -15.74 14.47
C1 DXP G . 9.20 -16.49 -29.44
C2 DXP G . 8.74 -15.10 -29.29
C3 DXP G . 7.35 -14.89 -28.81
C4 DXP G . 6.32 -14.27 -29.77
C5 DXP G . 5.05 -14.22 -28.92
O2 DXP G . 9.52 -14.16 -29.49
O3 DXP G . 7.51 -14.15 -27.64
O4 DXP G . 6.64 -12.91 -30.10
O5 DXP G . 3.90 -13.92 -29.71
P DXP G . 2.71 -13.65 -28.85
O2P DXP G . 2.32 -14.76 -27.90
O1P DXP G . 1.61 -13.33 -29.83
O3P DXP G . 2.97 -12.63 -28.00
O1 G3P H . 10.42 -13.48 -26.97
C1 G3P H . 10.31 -12.64 -26.05
C2 G3P H . 8.88 -12.30 -25.72
O2 G3P H . 8.23 -12.08 -26.99
C3 G3P H . 8.47 -13.51 -24.83
O1P G3P H . 7.13 -13.96 -24.90
O4P G3P H . 5.30 -14.58 -23.74
O2P G3P H . 7.44 -14.61 -22.47
O3P G3P H . 6.75 -16.27 -23.91
P G3P H . 6.62 -14.81 -23.74
C1 DXP I . 21.92 4.51 26.58
C2 DXP I . 20.82 3.54 26.65
C3 DXP I . 19.43 3.93 26.24
C4 DXP I . 18.56 4.47 27.38
C5 DXP I . 17.47 5.31 26.73
O2 DXP I . 21.08 2.40 27.03
O3 DXP I . 18.73 2.83 25.70
O4 DXP I . 17.92 3.37 28.04
O5 DXP I . 16.56 5.70 27.77
P DXP I . 15.39 6.50 27.30
O2P DXP I . 15.83 7.78 26.62
O1P DXP I . 14.48 6.88 28.46
O3P DXP I . 14.75 5.71 26.39
O1 G3P J . 20.71 1.04 24.69
C1 G3P J . 20.42 1.02 23.48
C2 G3P J . 19.09 1.53 22.98
O2 G3P J . 18.07 1.02 23.87
C3 G3P J . 19.37 3.07 22.90
O1P G3P J . 18.18 3.64 22.41
O4P G3P J . 18.13 4.70 20.47
O2P G3P J . 19.43 5.96 21.85
O3P G3P J . 16.93 5.63 22.21
P G3P J . 18.27 5.04 21.80
C1 DXP K . -7.45 29.49 -17.27
C2 DXP K . -6.95 28.48 -16.27
C3 DXP K . -5.78 27.59 -16.52
C4 DXP K . -4.60 28.11 -17.37
C5 DXP K . -3.46 27.37 -16.72
O2 DXP K . -7.56 28.34 -15.21
O3 DXP K . -6.30 26.41 -17.07
O4 DXP K . -4.70 27.66 -18.72
O5 DXP K . -2.27 27.69 -17.44
P DXP K . -1.08 26.99 -16.89
O2P DXP K . -0.83 27.31 -15.43
O1P DXP K . 0.09 27.42 -17.77
O3P DXP K . -1.29 25.66 -16.87
O1 G3P L . -9.14 26.36 -16.51
C1 G3P L . -9.31 25.49 -15.58
C2 G3P L . -8.14 24.57 -15.34
O2 G3P L . -7.55 24.25 -16.64
C3 G3P L . -7.48 25.29 -14.12
O1P G3P L . -6.08 25.29 -13.80
O4P G3P L . -4.36 24.87 -12.42
O2P G3P L . -6.56 24.89 -11.25
O3P G3P L . -5.39 26.82 -11.77
P G3P L . -5.62 25.42 -12.33
#